data_8CT4
#
_entry.id   8CT4
#
_cell.length_a   1.00
_cell.length_b   1.00
_cell.length_c   1.00
_cell.angle_alpha   90.00
_cell.angle_beta   90.00
_cell.angle_gamma   90.00
#
_symmetry.space_group_name_H-M   'P 1'
#
loop_
_entity.id
_entity.type
_entity.pdbx_description
1 polymer 'Dihydrolipoyl dehydrogenase'
2 non-polymer 'FLAVIN-ADENINE DINUCLEOTIDE'
3 non-polymer N~2~-(2-cyano-5-methyl-1H-indole-7-sulfonyl)-N~2~-methyl-N-[4-(oxetan-3-yl)-3,4-dihydro-2H-1,4-benzoxazin-7-yl]glycinamide
4 water water
#
_entity_poly.entity_id   1
_entity_poly.type   'polypeptide(L)'
_entity_poly.pdbx_seq_one_letter_code
;GSMTHYDVVVLGAGPGGYVAAIRAAQLGLSTAIVEPKYWGGVCLNVGCIPSKALLRNAELVHIFTKDAKAFGISGEVTFD
YGIAYDRSRKVAEGRVAGVHFLMKKNKITEIHGYGTFADANTLLVDLNDGGTESVTFDNAIIATGSSTRLVPGTSLSANV
VTYEEQILSRELPKSIIIAGAGAIGMEFGYVLKNYGVDVTIVEFLPRALPNEDADVSKEIEKQFKKLGVTILTATKVESI
ADGGSQVTVTVTKDGVAQELKAEKVLQAIGFAPNVEGYGLDKAGVALTDRKAIGVDDYMRTNVGHIYAIGDVNGLLQLAH
VAEAQGVVAAETIAGAETLTLGDHRMLPRATFCQPNVASFGLTEQQARNEGYDVVVAKFPFTANAKAHGVGDPSGFVKLV
ADAKHGELLGGHLVGHDVAELLPELTLAQRWDLTASELARNVHTHPTMSEALQECFHGLVGHMINF
;
_entity_poly.pdbx_strand_id   A,B
#
# COMPACT_ATOMS: atom_id res chain seq x y z
N MET A 3 20.57 40.03 21.54
CA MET A 3 19.27 40.61 21.11
C MET A 3 19.22 40.75 19.59
N THR A 4 18.70 39.72 18.92
CA THR A 4 18.64 39.66 17.47
C THR A 4 17.19 39.64 17.00
N HIS A 5 16.99 39.95 15.72
CA HIS A 5 15.66 40.09 15.13
C HIS A 5 15.51 39.12 13.97
N TYR A 6 14.36 38.47 13.89
CA TYR A 6 14.05 37.57 12.78
C TYR A 6 12.72 37.96 12.15
N ASP A 7 12.50 37.49 10.92
CA ASP A 7 11.19 37.64 10.31
C ASP A 7 10.16 36.73 10.95
N VAL A 8 10.57 35.51 11.29
CA VAL A 8 9.67 34.51 11.86
C VAL A 8 10.43 33.71 12.91
N VAL A 9 9.86 33.60 14.11
N VAL A 9 9.86 33.60 14.11
CA VAL A 9 10.35 32.70 15.14
CA VAL A 9 10.35 32.71 15.14
C VAL A 9 9.35 31.57 15.30
C VAL A 9 9.34 31.58 15.32
N VAL A 10 9.85 30.35 15.43
CA VAL A 10 9.03 29.17 15.64
C VAL A 10 9.31 28.62 17.02
N LEU A 11 8.25 28.41 17.80
CA LEU A 11 8.35 27.86 19.14
C LEU A 11 7.98 26.37 19.10
N GLY A 12 8.96 25.51 19.34
CA GLY A 12 8.79 24.07 19.28
C GLY A 12 9.25 23.49 17.95
N ALA A 13 9.90 22.33 17.97
CA ALA A 13 10.52 21.77 16.78
C ALA A 13 10.02 20.36 16.46
N GLY A 14 8.74 20.10 16.62
CA GLY A 14 8.13 18.87 16.19
C GLY A 14 7.72 18.91 14.73
N PRO A 15 6.91 17.94 14.31
CA PRO A 15 6.50 17.89 12.89
C PRO A 15 5.92 19.20 12.36
N GLY A 16 5.10 19.90 13.14
CA GLY A 16 4.57 21.17 12.66
C GLY A 16 5.61 22.28 12.66
N GLY A 17 6.36 22.42 13.75
CA GLY A 17 7.27 23.54 13.87
C GLY A 17 8.40 23.52 12.86
N TYR A 18 9.04 22.37 12.68
CA TYR A 18 10.21 22.30 11.80
C TYR A 18 9.82 22.29 10.33
N VAL A 19 8.63 21.82 9.99
CA VAL A 19 8.16 21.93 8.61
C VAL A 19 7.80 23.37 8.28
N ALA A 20 7.18 24.09 9.21
CA ALA A 20 6.86 25.49 8.98
C ALA A 20 8.12 26.32 8.77
N ALA A 21 9.14 26.09 9.61
CA ALA A 21 10.39 26.84 9.48
C ALA A 21 11.04 26.61 8.12
N ILE A 22 11.05 25.37 7.63
CA ILE A 22 11.62 25.09 6.32
C ILE A 22 10.85 25.84 5.23
N ARG A 23 9.51 25.77 5.29
CA ARG A 23 8.70 26.43 4.28
C ARG A 23 8.90 27.95 4.32
N ALA A 24 9.05 28.51 5.52
CA ALA A 24 9.34 29.93 5.64
C ALA A 24 10.73 30.25 5.11
N ALA A 25 11.66 29.31 5.21
CA ALA A 25 12.99 29.50 4.64
C ALA A 25 12.94 29.41 3.12
N GLN A 26 12.06 28.57 2.57
CA GLN A 26 11.93 28.45 1.13
C GLN A 26 11.31 29.71 0.52
N LEU A 27 10.46 30.40 1.26
CA LEU A 27 9.79 31.58 0.75
C LEU A 27 10.57 32.87 1.01
N GLY A 28 11.80 32.76 1.52
CA GLY A 28 12.71 33.88 1.62
C GLY A 28 12.76 34.57 2.96
N LEU A 29 12.03 34.11 3.96
CA LEU A 29 12.02 34.75 5.26
C LEU A 29 13.16 34.24 6.12
N SER A 30 13.76 35.13 6.90
CA SER A 30 14.77 34.74 7.88
C SER A 30 14.10 34.13 9.10
N THR A 31 14.54 32.94 9.49
CA THR A 31 13.80 32.10 10.41
C THR A 31 14.68 31.57 11.53
N ALA A 32 14.14 31.57 12.74
CA ALA A 32 14.74 30.94 13.90
C ALA A 32 13.71 29.99 14.52
N ILE A 33 14.20 28.88 15.08
CA ILE A 33 13.35 27.89 15.73
C ILE A 33 13.92 27.57 17.11
N VAL A 34 13.07 27.60 18.13
CA VAL A 34 13.43 27.47 19.53
C VAL A 34 12.92 26.14 20.04
N GLU A 35 13.82 25.30 20.57
CA GLU A 35 13.46 23.96 21.02
C GLU A 35 14.38 23.52 22.15
N PRO A 36 13.86 23.19 23.35
CA PRO A 36 14.74 22.81 24.46
C PRO A 36 15.16 21.35 24.50
N LYS A 37 14.38 20.44 23.93
CA LYS A 37 14.53 19.03 24.26
C LYS A 37 14.48 18.12 23.04
N TYR A 38 13.33 18.02 22.39
CA TYR A 38 13.11 17.08 21.31
C TYR A 38 13.20 17.80 19.98
N TRP A 39 14.28 17.57 19.25
CA TRP A 39 14.30 17.91 17.84
C TRP A 39 13.58 16.80 17.09
N GLY A 40 12.49 17.16 16.41
CA GLY A 40 11.54 16.19 15.94
C GLY A 40 10.34 15.97 16.83
N GLY A 41 10.27 16.67 17.97
CA GLY A 41 9.15 16.62 18.89
C GLY A 41 8.81 15.22 19.37
N VAL A 42 7.53 15.03 19.72
CA VAL A 42 7.07 13.76 20.26
C VAL A 42 7.11 12.68 19.19
N CYS A 43 6.76 13.05 17.96
CA CYS A 43 6.60 12.09 16.87
C CYS A 43 7.88 11.30 16.62
N LEU A 44 8.99 12.01 16.40
CA LEU A 44 10.23 11.36 16.02
C LEU A 44 10.98 10.76 17.21
N ASN A 45 10.75 11.26 18.41
CA ASN A 45 11.54 10.84 19.55
C ASN A 45 10.90 9.74 20.39
N VAL A 46 9.59 9.80 20.60
CA VAL A 46 8.92 8.86 21.51
C VAL A 46 7.50 8.56 21.04
N GLY A 47 7.21 8.82 19.77
CA GLY A 47 5.84 8.73 19.30
C GLY A 47 5.64 7.84 18.09
N CYS A 48 5.26 8.44 16.97
CA CYS A 48 4.96 7.68 15.75
C CYS A 48 6.13 6.81 15.34
N ILE A 49 7.31 7.39 15.19
CA ILE A 49 8.43 6.77 14.51
C ILE A 49 8.90 5.55 15.30
N PRO A 50 9.29 5.70 16.57
CA PRO A 50 9.77 4.51 17.30
C PRO A 50 8.71 3.44 17.46
N SER A 51 7.44 3.81 17.63
CA SER A 51 6.41 2.81 17.81
C SER A 51 6.08 2.03 16.54
N LYS A 52 6.37 2.58 15.35
CA LYS A 52 6.18 1.80 14.14
C LYS A 52 7.24 0.71 14.03
N ALA A 53 8.45 1.01 14.47
CA ALA A 53 9.49 -0.01 14.51
C ALA A 53 9.11 -1.15 15.44
N LEU A 54 8.52 -0.84 16.60
CA LEU A 54 8.09 -1.88 17.52
C LEU A 54 6.90 -2.66 16.96
N LEU A 55 6.01 -2.00 16.22
CA LEU A 55 4.88 -2.70 15.64
C LEU A 55 5.32 -3.68 14.56
N ARG A 56 6.34 -3.31 13.78
CA ARG A 56 6.87 -4.24 12.79
C ARG A 56 7.42 -5.49 13.46
N ASN A 57 8.20 -5.32 14.53
CA ASN A 57 8.73 -6.48 15.26
C ASN A 57 7.60 -7.38 15.76
N ALA A 58 6.57 -6.78 16.37
CA ALA A 58 5.46 -7.56 16.90
C ALA A 58 4.73 -8.32 15.80
N GLU A 59 4.64 -7.73 14.61
CA GLU A 59 3.99 -8.42 13.50
C GLU A 59 4.75 -9.69 13.12
N LEU A 60 6.09 -9.65 13.18
CA LEU A 60 6.87 -10.81 12.81
C LEU A 60 6.84 -11.88 13.89
N VAL A 61 6.77 -11.51 15.16
CA VAL A 61 6.57 -12.51 16.20
C VAL A 61 5.26 -13.24 15.98
N HIS A 62 4.25 -12.51 15.52
N HIS A 62 4.24 -12.50 15.53
CA HIS A 62 2.93 -13.09 15.36
CA HIS A 62 2.92 -13.09 15.39
C HIS A 62 2.86 -14.03 14.15
C HIS A 62 2.86 -14.01 14.18
N ILE A 63 3.73 -13.81 13.16
N ILE A 63 3.53 -13.64 13.09
CA ILE A 63 3.79 -14.72 12.02
CA ILE A 63 3.53 -14.48 11.89
C ILE A 63 4.68 -15.92 12.34
C ILE A 63 4.11 -15.86 12.21
N PHE A 64 5.85 -15.68 12.93
N PHE A 64 5.14 -15.91 13.04
CA PHE A 64 6.80 -16.75 13.21
CA PHE A 64 5.69 -17.21 13.39
C PHE A 64 6.41 -17.58 14.43
C PHE A 64 4.75 -17.97 14.32
N THR A 65 5.14 -17.52 14.87
N THR A 65 4.45 -17.40 15.48
CA THR A 65 4.67 -18.39 15.94
CA THR A 65 3.74 -18.16 16.51
C THR A 65 3.24 -18.87 15.66
C THR A 65 2.42 -18.70 15.97
N LYS A 66 2.33 -17.95 15.35
N LYS A 66 1.72 -17.91 15.18
CA LYS A 66 0.95 -18.34 15.09
CA LYS A 66 0.40 -18.31 14.70
C LYS A 66 0.78 -18.99 13.72
C LYS A 66 0.46 -19.02 13.36
N ASP A 67 1.55 -18.58 12.71
N ASP A 67 1.34 -18.61 12.46
CA ASP A 67 1.39 -19.04 11.34
CA ASP A 67 1.32 -19.08 11.08
C ASP A 67 2.52 -19.93 10.87
C ASP A 67 2.51 -19.94 10.71
N ALA A 68 3.38 -20.39 11.77
N ALA A 68 3.34 -20.35 11.68
CA ALA A 68 4.57 -21.13 11.35
CA ALA A 68 4.54 -21.11 11.35
C ALA A 68 4.21 -22.37 10.53
C ALA A 68 4.19 -22.35 10.54
N LYS A 69 3.29 -23.19 11.04
CA LYS A 69 2.94 -24.42 10.34
C LYS A 69 2.36 -24.12 8.96
N ALA A 70 1.50 -23.11 8.85
CA ALA A 70 0.89 -22.78 7.57
C ALA A 70 1.93 -22.39 6.51
N PHE A 71 3.03 -21.77 6.91
CA PHE A 71 4.05 -21.33 5.98
C PHE A 71 5.19 -22.32 5.85
N GLY A 72 5.14 -23.46 6.53
CA GLY A 72 6.21 -24.43 6.46
C GLY A 72 7.46 -24.00 7.20
N ILE A 73 7.31 -23.34 8.35
CA ILE A 73 8.43 -22.88 9.16
C ILE A 73 8.49 -23.76 10.39
N SER A 74 9.60 -24.47 10.56
CA SER A 74 9.78 -25.36 11.70
C SER A 74 11.05 -24.97 12.46
N GLY A 75 11.11 -25.43 13.71
CA GLY A 75 12.21 -25.09 14.59
C GLY A 75 11.75 -24.32 15.81
N GLU A 76 12.57 -24.29 16.85
CA GLU A 76 12.26 -23.55 18.07
C GLU A 76 12.75 -22.13 17.92
N VAL A 77 11.83 -21.18 17.83
CA VAL A 77 12.13 -19.78 17.58
C VAL A 77 11.79 -18.98 18.82
N THR A 78 12.76 -18.22 19.32
CA THR A 78 12.55 -17.31 20.42
C THR A 78 12.76 -15.88 19.95
N PHE A 79 12.16 -14.94 20.66
CA PHE A 79 12.23 -13.52 20.34
C PHE A 79 12.68 -12.75 21.57
N ASP A 80 13.59 -11.80 21.36
CA ASP A 80 14.09 -10.95 22.42
C ASP A 80 13.47 -9.56 22.25
N TYR A 81 12.75 -9.10 23.27
CA TYR A 81 12.17 -7.77 23.22
C TYR A 81 13.24 -6.69 23.39
N GLY A 82 14.33 -7.01 24.08
CA GLY A 82 15.41 -6.05 24.23
C GLY A 82 15.98 -5.59 22.89
N ILE A 83 16.13 -6.52 21.94
CA ILE A 83 16.63 -6.18 20.62
C ILE A 83 15.63 -5.29 19.89
N ALA A 84 14.34 -5.65 19.93
CA ALA A 84 13.31 -4.79 19.35
C ALA A 84 13.40 -3.37 19.88
N TYR A 85 13.69 -3.21 21.17
CA TYR A 85 13.84 -1.89 21.76
C TYR A 85 15.09 -1.20 21.25
N ASP A 86 16.22 -1.91 21.24
CA ASP A 86 17.45 -1.33 20.72
C ASP A 86 17.27 -0.80 19.30
N ARG A 87 16.54 -1.54 18.45
CA ARG A 87 16.35 -1.11 17.08
C ARG A 87 15.46 0.12 16.99
N SER A 88 14.36 0.16 17.76
CA SER A 88 13.48 1.32 17.73
C SER A 88 14.22 2.61 18.12
N ARG A 89 15.22 2.51 18.99
CA ARG A 89 15.98 3.71 19.36
C ARG A 89 16.98 4.10 18.29
N LYS A 90 17.51 3.15 17.52
CA LYS A 90 18.39 3.50 16.41
C LYS A 90 17.60 4.08 15.24
N VAL A 91 16.36 3.65 15.05
CA VAL A 91 15.54 4.26 14.01
C VAL A 91 15.23 5.71 14.36
N ALA A 92 14.88 5.96 15.62
CA ALA A 92 14.57 7.30 16.07
C ALA A 92 15.77 8.23 15.94
N GLU A 93 16.95 7.75 16.37
CA GLU A 93 18.15 8.59 16.30
C GLU A 93 18.49 8.94 14.86
N GLY A 94 18.18 8.07 13.92
CA GLY A 94 18.52 8.34 12.53
C GLY A 94 17.67 9.44 11.92
N ARG A 95 16.42 9.56 12.36
CA ARG A 95 15.56 10.61 11.84
C ARG A 95 15.82 11.95 12.52
N VAL A 96 16.26 11.94 13.78
CA VAL A 96 16.63 13.19 14.43
C VAL A 96 17.83 13.80 13.74
N ALA A 97 18.79 12.98 13.33
CA ALA A 97 19.91 13.47 12.55
C ALA A 97 19.45 14.07 11.23
N GLY A 98 18.35 13.54 10.67
CA GLY A 98 17.78 14.10 9.46
C GLY A 98 17.23 15.49 9.65
N VAL A 99 16.57 15.73 10.79
CA VAL A 99 15.98 17.04 11.04
C VAL A 99 17.08 18.10 11.18
N HIS A 100 18.21 17.72 11.78
CA HIS A 100 19.31 18.69 11.90
C HIS A 100 19.93 19.00 10.55
N PHE A 101 20.09 17.99 9.69
CA PHE A 101 20.59 18.21 8.35
C PHE A 101 19.67 19.13 7.56
N LEU A 102 18.35 19.00 7.75
CA LEU A 102 17.41 19.85 7.03
C LEU A 102 17.47 21.30 7.52
N MET A 103 17.62 21.49 8.84
CA MET A 103 17.79 22.84 9.36
C MET A 103 19.05 23.49 8.81
N LYS A 104 20.14 22.74 8.73
CA LYS A 104 21.38 23.29 8.20
C LYS A 104 21.25 23.61 6.72
N LYS A 105 20.63 22.72 5.95
CA LYS A 105 20.49 22.95 4.52
C LYS A 105 19.71 24.23 4.23
N ASN A 106 18.69 24.53 5.02
CA ASN A 106 17.82 25.66 4.77
C ASN A 106 18.26 26.93 5.48
N LYS A 107 19.40 26.91 6.19
CA LYS A 107 19.95 28.09 6.86
C LYS A 107 19.01 28.61 7.93
N ILE A 108 18.43 27.70 8.70
CA ILE A 108 17.55 28.06 9.80
C ILE A 108 18.37 28.11 11.08
N THR A 109 18.18 29.16 11.86
CA THR A 109 18.92 29.32 13.12
C THR A 109 18.25 28.49 14.21
N GLU A 110 18.92 27.44 14.67
CA GLU A 110 18.46 26.69 15.83
C GLU A 110 18.85 27.40 17.11
N ILE A 111 17.91 27.47 18.04
CA ILE A 111 18.12 28.06 19.36
C ILE A 111 17.71 27.02 20.38
N HIS A 112 18.66 26.57 21.18
CA HIS A 112 18.46 25.46 22.11
C HIS A 112 18.03 26.04 23.46
N GLY A 113 16.73 26.10 23.68
CA GLY A 113 16.22 26.65 24.92
C GLY A 113 14.71 26.65 24.95
N TYR A 114 14.19 27.19 26.03
CA TYR A 114 12.76 27.26 26.30
C TYR A 114 12.32 28.72 26.16
N GLY A 115 11.37 28.97 25.28
CA GLY A 115 10.95 30.32 24.96
C GLY A 115 9.71 30.77 25.73
N THR A 116 9.68 32.06 26.07
CA THR A 116 8.60 32.68 26.81
C THR A 116 8.34 34.05 26.22
N PHE A 117 7.08 34.36 25.92
CA PHE A 117 6.74 35.67 25.36
C PHE A 117 6.87 36.74 26.43
N ALA A 118 7.57 37.82 26.09
CA ALA A 118 7.61 39.01 26.94
C ALA A 118 6.54 40.03 26.56
N ASP A 119 6.23 40.14 25.27
CA ASP A 119 5.10 40.92 24.81
C ASP A 119 4.65 40.39 23.45
N ALA A 120 4.02 41.21 22.63
CA ALA A 120 3.52 40.76 21.35
C ALA A 120 4.60 40.61 20.28
N ASN A 121 5.81 41.13 20.51
CA ASN A 121 6.88 41.02 19.53
C ASN A 121 8.22 40.57 20.11
N THR A 122 8.30 40.29 21.41
CA THR A 122 9.55 39.94 22.06
C THR A 122 9.45 38.57 22.71
N LEU A 123 10.46 37.74 22.49
CA LEU A 123 10.56 36.43 23.11
C LEU A 123 11.83 36.37 23.93
N LEU A 124 11.70 35.96 25.19
N LEU A 124 11.70 35.94 25.18
CA LEU A 124 12.82 35.72 26.08
CA LEU A 124 12.83 35.73 26.08
C LEU A 124 13.07 34.22 26.14
C LEU A 124 13.09 34.23 26.18
N VAL A 125 14.30 33.81 25.82
CA VAL A 125 14.66 32.40 25.78
C VAL A 125 15.63 32.10 26.93
N ASP A 126 15.36 31.03 27.65
N ASP A 126 15.37 31.02 27.62
CA ASP A 126 16.28 30.48 28.64
CA ASP A 126 16.27 30.50 28.64
C ASP A 126 17.09 29.37 27.98
C ASP A 126 17.08 29.37 27.99
N LEU A 127 18.38 29.61 27.82
CA LEU A 127 19.23 28.69 27.07
C LEU A 127 19.59 27.46 27.87
N ASN A 128 19.62 26.31 27.19
CA ASN A 128 20.09 25.09 27.82
C ASN A 128 21.51 25.24 28.38
N ASP A 129 22.34 26.07 27.75
CA ASP A 129 23.70 26.27 28.22
C ASP A 129 23.78 27.16 29.45
N GLY A 130 22.68 27.79 29.86
CA GLY A 130 22.62 28.51 31.11
C GLY A 130 22.43 30.01 30.99
N GLY A 131 22.53 30.57 29.79
CA GLY A 131 22.35 32.00 29.60
C GLY A 131 20.92 32.36 29.26
N THR A 132 20.74 33.61 28.87
CA THR A 132 19.46 34.12 28.41
C THR A 132 19.65 34.81 27.08
N GLU A 133 18.60 34.81 26.27
CA GLU A 133 18.63 35.46 24.97
C GLU A 133 17.29 36.13 24.73
N SER A 134 17.33 37.27 24.06
CA SER A 134 16.13 37.99 23.63
C SER A 134 16.02 37.91 22.12
N VAL A 135 14.79 37.82 21.63
CA VAL A 135 14.55 37.63 20.21
C VAL A 135 13.28 38.37 19.81
N THR A 136 13.43 39.44 19.02
CA THR A 136 12.28 40.13 18.48
C THR A 136 11.91 39.54 17.12
N PHE A 137 10.63 39.62 16.78
CA PHE A 137 10.12 39.01 15.57
C PHE A 137 9.06 39.90 14.96
N ASP A 138 8.74 39.62 13.71
CA ASP A 138 7.58 40.17 13.04
C ASP A 138 6.37 39.25 13.11
N ASN A 139 6.59 37.94 12.98
CA ASN A 139 5.55 36.94 13.09
C ASN A 139 6.10 35.75 13.86
N ALA A 140 5.23 35.06 14.57
CA ALA A 140 5.60 33.92 15.38
C ALA A 140 4.62 32.78 15.15
N ILE A 141 5.14 31.57 15.10
CA ILE A 141 4.35 30.37 14.95
C ILE A 141 4.51 29.55 16.24
N ILE A 142 3.40 29.31 16.91
CA ILE A 142 3.38 28.50 18.13
C ILE A 142 3.08 27.07 17.72
N ALA A 143 3.99 26.16 18.07
CA ALA A 143 3.90 24.76 17.72
C ALA A 143 4.40 23.93 18.91
N THR A 144 3.76 24.11 20.06
CA THR A 144 4.24 23.59 21.32
C THR A 144 3.61 22.25 21.73
N GLY A 145 2.76 21.66 20.89
CA GLY A 145 2.28 20.31 21.14
C GLY A 145 1.30 20.19 22.31
N SER A 146 1.15 18.97 22.78
CA SER A 146 0.25 18.66 23.89
C SER A 146 0.94 17.71 24.85
N SER A 147 0.28 17.46 25.98
CA SER A 147 0.77 16.55 27.00
C SER A 147 -0.30 15.52 27.32
N THR A 148 0.09 14.49 28.06
CA THR A 148 -0.82 13.42 28.42
C THR A 148 -1.87 13.91 29.42
N ARG A 149 -3.10 13.50 29.19
CA ARG A 149 -4.20 13.75 30.12
C ARG A 149 -4.32 12.55 31.06
N LEU A 150 -4.52 12.81 32.34
CA LEU A 150 -4.61 11.76 33.33
C LEU A 150 -6.05 11.50 33.75
N VAL A 151 -6.33 10.25 34.12
CA VAL A 151 -7.65 9.91 34.65
C VAL A 151 -7.93 10.79 35.87
N PRO A 152 -9.08 11.45 35.96
CA PRO A 152 -9.30 12.41 37.04
C PRO A 152 -9.20 11.75 38.41
N GLY A 153 -8.32 12.28 39.25
CA GLY A 153 -8.10 11.77 40.57
C GLY A 153 -6.82 10.98 40.74
N THR A 154 -6.27 10.44 39.66
CA THR A 154 -5.11 9.58 39.74
C THR A 154 -3.83 10.38 39.57
N SER A 155 -2.70 9.69 39.66
CA SER A 155 -1.39 10.33 39.54
C SER A 155 -0.40 9.33 38.98
N LEU A 156 0.68 9.84 38.41
CA LEU A 156 1.76 9.00 37.95
C LEU A 156 2.60 8.55 39.13
N SER A 157 3.30 7.44 38.94
CA SER A 157 4.14 6.86 39.98
C SER A 157 5.02 5.80 39.33
N ALA A 158 5.68 4.98 40.16
CA ALA A 158 6.56 3.95 39.64
C ALA A 158 5.84 3.04 38.66
N ASN A 159 4.70 2.51 39.07
CA ASN A 159 3.99 1.50 38.30
C ASN A 159 2.79 2.05 37.53
N VAL A 160 2.57 3.36 37.58
CA VAL A 160 1.56 4.03 36.78
C VAL A 160 2.30 5.04 35.91
N VAL A 161 2.18 4.88 34.59
CA VAL A 161 3.04 5.58 33.65
C VAL A 161 2.22 6.08 32.47
N THR A 162 2.85 6.92 31.67
CA THR A 162 2.32 7.38 30.39
C THR A 162 3.08 6.72 29.24
N TYR A 163 2.69 7.08 28.01
CA TYR A 163 3.32 6.50 26.84
C TYR A 163 4.84 6.66 26.87
N GLU A 164 5.32 7.78 27.43
CA GLU A 164 6.72 8.12 27.29
C GLU A 164 7.62 7.18 28.09
N GLU A 165 7.22 6.83 29.31
CA GLU A 165 8.02 5.91 30.09
C GLU A 165 7.89 4.47 29.62
N GLN A 166 6.75 4.11 29.02
CA GLN A 166 6.57 2.76 28.53
C GLN A 166 7.41 2.51 27.30
N ILE A 167 7.31 3.40 26.30
CA ILE A 167 8.06 3.22 25.07
C ILE A 167 9.57 3.32 25.26
N LEU A 168 10.03 3.83 26.41
CA LEU A 168 11.46 3.86 26.71
C LEU A 168 11.88 2.78 27.69
N SER A 169 11.04 1.80 27.96
CA SER A 169 11.38 0.69 28.84
C SER A 169 11.94 -0.45 28.02
N ARG A 170 13.14 -0.90 28.36
CA ARG A 170 13.72 -2.06 27.70
C ARG A 170 13.16 -3.38 28.22
N GLU A 171 12.63 -3.40 29.44
CA GLU A 171 12.06 -4.60 30.03
C GLU A 171 10.54 -4.56 30.01
N LEU A 172 9.93 -5.74 30.04
CA LEU A 172 8.48 -5.83 29.99
C LEU A 172 7.90 -6.30 31.32
N PRO A 173 6.68 -5.90 31.64
CA PRO A 173 6.01 -6.42 32.84
C PRO A 173 5.28 -7.73 32.54
N LYS A 174 4.84 -8.38 33.62
CA LYS A 174 4.08 -9.61 33.45
C LYS A 174 2.66 -9.34 32.98
N SER A 175 2.02 -8.30 33.54
CA SER A 175 0.67 -7.92 33.17
C SER A 175 0.57 -6.40 33.18
N ILE A 176 -0.39 -5.89 32.43
CA ILE A 176 -0.58 -4.44 32.32
C ILE A 176 -2.04 -4.15 32.02
N ILE A 177 -2.54 -3.06 32.62
CA ILE A 177 -3.86 -2.52 32.34
C ILE A 177 -3.67 -1.22 31.59
N ILE A 178 -4.26 -1.12 30.40
CA ILE A 178 -4.21 0.08 29.57
C ILE A 178 -5.53 0.81 29.71
N ALA A 179 -5.47 2.05 30.19
CA ALA A 179 -6.67 2.88 30.33
C ALA A 179 -6.85 3.70 29.04
N GLY A 180 -7.84 3.32 28.24
CA GLY A 180 -8.14 4.02 27.00
C GLY A 180 -7.96 3.18 25.76
N ALA A 181 -9.01 3.04 24.96
CA ALA A 181 -8.99 2.23 23.75
C ALA A 181 -8.95 3.10 22.49
N GLY A 182 -8.20 4.20 22.54
CA GLY A 182 -7.87 4.96 21.36
C GLY A 182 -6.81 4.25 20.55
N ALA A 183 -6.29 4.97 19.56
CA ALA A 183 -5.29 4.39 18.67
C ALA A 183 -4.01 4.03 19.42
N ILE A 184 -3.54 4.93 20.28
CA ILE A 184 -2.28 4.69 20.97
C ILE A 184 -2.41 3.52 21.94
N GLY A 185 -3.57 3.36 22.57
CA GLY A 185 -3.74 2.26 23.50
C GLY A 185 -3.74 0.91 22.80
N MET A 186 -4.42 0.83 21.65
CA MET A 186 -4.51 -0.43 20.93
C MET A 186 -3.16 -0.86 20.39
N GLU A 187 -2.30 0.10 20.04
CA GLU A 187 -1.01 -0.26 19.50
C GLU A 187 -0.07 -0.78 20.58
N PHE A 188 -0.15 -0.23 21.79
CA PHE A 188 0.62 -0.78 22.90
C PHE A 188 0.10 -2.15 23.30
N GLY A 189 -1.22 -2.32 23.32
CA GLY A 189 -1.78 -3.64 23.56
C GLY A 189 -1.27 -4.66 22.57
N TYR A 190 -1.26 -4.30 21.29
CA TYR A 190 -0.85 -5.23 20.24
C TYR A 190 0.63 -5.61 20.37
N VAL A 191 1.50 -4.65 20.65
CA VAL A 191 2.92 -4.96 20.81
C VAL A 191 3.12 -5.85 22.04
N LEU A 192 2.54 -5.48 23.17
CA LEU A 192 2.83 -6.18 24.42
C LEU A 192 2.22 -7.57 24.46
N LYS A 193 1.05 -7.77 23.86
CA LYS A 193 0.45 -9.10 23.88
C LYS A 193 1.28 -10.08 23.04
N ASN A 194 1.79 -9.62 21.89
CA ASN A 194 2.62 -10.49 21.06
C ASN A 194 3.94 -10.86 21.73
N TYR A 195 4.43 -10.07 22.67
CA TYR A 195 5.65 -10.38 23.39
C TYR A 195 5.38 -11.01 24.76
N GLY A 196 4.20 -11.57 24.95
CA GLY A 196 3.94 -12.40 26.11
C GLY A 196 3.39 -11.71 27.32
N VAL A 197 3.07 -10.43 27.24
CA VAL A 197 2.45 -9.73 28.36
C VAL A 197 0.96 -10.02 28.39
N ASP A 198 0.42 -10.09 29.60
CA ASP A 198 -1.02 -10.21 29.82
C ASP A 198 -1.65 -8.82 29.85
N VAL A 199 -2.63 -8.58 28.98
CA VAL A 199 -3.07 -7.23 28.64
C VAL A 199 -4.57 -7.09 28.85
N THR A 200 -4.98 -5.99 29.46
CA THR A 200 -6.38 -5.59 29.57
C THR A 200 -6.52 -4.12 29.20
N ILE A 201 -7.55 -3.80 28.43
CA ILE A 201 -7.78 -2.45 27.94
C ILE A 201 -9.18 -2.02 28.38
N VAL A 202 -9.25 -0.91 29.11
CA VAL A 202 -10.49 -0.39 29.69
C VAL A 202 -10.90 0.86 28.91
N GLU A 203 -12.07 0.82 28.28
CA GLU A 203 -12.62 1.94 27.52
C GLU A 203 -13.92 2.40 28.14
N PHE A 204 -14.09 3.72 28.26
CA PHE A 204 -15.31 4.27 28.85
C PHE A 204 -16.48 4.18 27.88
N LEU A 205 -16.23 4.37 26.60
CA LEU A 205 -17.30 4.28 25.61
C LEU A 205 -17.58 2.83 25.26
N PRO A 206 -18.75 2.54 24.69
CA PRO A 206 -19.15 1.15 24.44
C PRO A 206 -18.51 0.49 23.23
N ARG A 207 -17.54 1.12 22.59
CA ARG A 207 -16.85 0.53 21.45
C ARG A 207 -15.36 0.83 21.56
N ALA A 208 -14.53 -0.07 21.04
CA ALA A 208 -13.11 0.18 20.91
C ALA A 208 -12.84 0.93 19.62
N LEU A 209 -11.98 1.95 19.68
CA LEU A 209 -11.82 2.94 18.63
C LEU A 209 -13.15 3.65 18.43
N PRO A 210 -13.70 4.28 19.47
CA PRO A 210 -15.03 4.87 19.35
C PRO A 210 -15.17 5.93 18.27
N ASN A 211 -14.08 6.47 17.72
CA ASN A 211 -14.17 7.43 16.63
C ASN A 211 -14.39 6.79 15.27
N GLU A 212 -14.18 5.49 15.12
CA GLU A 212 -14.34 4.82 13.84
C GLU A 212 -15.81 4.46 13.59
N ASP A 213 -16.08 4.06 12.35
CA ASP A 213 -17.39 3.54 11.99
C ASP A 213 -17.66 2.23 12.72
N ALA A 214 -18.90 2.04 13.17
CA ALA A 214 -19.23 0.93 14.07
C ALA A 214 -18.83 -0.42 13.48
N ASP A 215 -18.91 -0.58 12.16
CA ASP A 215 -18.46 -1.83 11.56
C ASP A 215 -16.96 -2.04 11.73
N VAL A 216 -16.18 -0.96 11.78
CA VAL A 216 -14.74 -1.10 11.98
C VAL A 216 -14.43 -1.49 13.42
N SER A 217 -15.19 -0.95 14.37
N SER A 217 -15.20 -0.98 14.37
CA SER A 217 -14.99 -1.29 15.78
CA SER A 217 -14.92 -1.32 15.77
C SER A 217 -15.32 -2.75 16.04
C SER A 217 -15.36 -2.74 16.08
N LYS A 218 -16.41 -3.24 15.43
CA LYS A 218 -16.79 -4.64 15.64
C LYS A 218 -15.73 -5.59 15.10
N GLU A 219 -15.16 -5.28 13.93
CA GLU A 219 -14.14 -6.14 13.35
C GLU A 219 -12.86 -6.13 14.18
N ILE A 220 -12.42 -4.96 14.64
CA ILE A 220 -11.15 -4.90 15.37
C ILE A 220 -11.30 -5.49 16.77
N GLU A 221 -12.47 -5.40 17.39
CA GLU A 221 -12.67 -6.06 18.67
C GLU A 221 -12.66 -7.57 18.53
N LYS A 222 -13.05 -8.09 17.35
CA LYS A 222 -12.97 -9.52 17.11
C LYS A 222 -11.53 -9.98 16.96
N GLN A 223 -10.74 -9.25 16.17
CA GLN A 223 -9.32 -9.59 16.00
C GLN A 223 -8.58 -9.57 17.33
N PHE A 224 -8.81 -8.55 18.15
CA PHE A 224 -8.05 -8.44 19.40
C PHE A 224 -8.42 -9.55 20.37
N LYS A 225 -9.70 -9.94 20.41
CA LYS A 225 -10.11 -11.07 21.23
C LYS A 225 -9.42 -12.35 20.77
N LYS A 226 -9.36 -12.57 19.46
CA LYS A 226 -8.67 -13.73 18.92
C LYS A 226 -7.20 -13.74 19.36
N LEU A 227 -6.56 -12.57 19.35
CA LEU A 227 -5.17 -12.46 19.76
C LEU A 227 -4.96 -12.67 21.25
N GLY A 228 -6.02 -12.57 22.06
CA GLY A 228 -5.93 -12.82 23.48
C GLY A 228 -6.03 -11.60 24.36
N VAL A 229 -6.24 -10.42 23.81
CA VAL A 229 -6.38 -9.21 24.63
C VAL A 229 -7.81 -9.11 25.14
N THR A 230 -7.93 -8.74 26.41
CA THR A 230 -9.24 -8.54 27.05
C THR A 230 -9.61 -7.06 26.98
N ILE A 231 -10.73 -6.76 26.32
CA ILE A 231 -11.19 -5.39 26.14
C ILE A 231 -12.51 -5.23 26.90
N LEU A 232 -12.52 -4.29 27.85
CA LEU A 232 -13.70 -3.99 28.65
C LEU A 232 -14.24 -2.64 28.20
N THR A 233 -15.37 -2.67 27.51
CA THR A 233 -16.00 -1.46 27.01
C THR A 233 -17.15 -1.03 27.92
N ALA A 234 -17.50 0.26 27.82
CA ALA A 234 -18.53 0.87 28.65
C ALA A 234 -18.17 0.80 30.13
N THR A 235 -16.88 0.82 30.43
CA THR A 235 -16.36 0.68 31.78
C THR A 235 -15.62 1.95 32.16
N LYS A 236 -15.82 2.41 33.39
CA LYS A 236 -15.23 3.64 33.88
C LYS A 236 -14.15 3.33 34.91
N VAL A 237 -12.97 3.91 34.73
CA VAL A 237 -11.91 3.81 35.72
C VAL A 237 -12.19 4.78 36.86
N GLU A 238 -12.34 4.25 38.07
CA GLU A 238 -12.63 5.08 39.24
C GLU A 238 -11.35 5.48 39.96
N SER A 239 -10.52 4.50 40.32
CA SER A 239 -9.35 4.74 41.15
C SER A 239 -8.18 3.89 40.66
N ILE A 240 -6.97 4.37 40.93
CA ILE A 240 -5.75 3.64 40.65
C ILE A 240 -4.88 3.74 41.90
N ALA A 241 -4.50 2.59 42.46
CA ALA A 241 -3.73 2.54 43.70
C ALA A 241 -2.47 1.71 43.48
N ASP A 242 -1.32 2.34 43.65
CA ASP A 242 -0.03 1.70 43.43
C ASP A 242 0.51 1.22 44.77
N GLY A 243 0.36 -0.07 45.04
CA GLY A 243 0.80 -0.67 46.27
C GLY A 243 2.25 -1.08 46.30
N GLY A 244 3.00 -0.85 45.23
CA GLY A 244 4.39 -1.25 45.16
C GLY A 244 4.58 -2.54 44.38
N SER A 245 3.96 -3.62 44.85
CA SER A 245 4.08 -4.91 44.18
C SER A 245 3.06 -5.09 43.08
N GLN A 246 1.90 -4.45 43.19
CA GLN A 246 0.88 -4.53 42.16
C GLN A 246 0.04 -3.27 42.23
N VAL A 247 -0.75 -3.03 41.19
CA VAL A 247 -1.65 -1.89 41.11
C VAL A 247 -3.07 -2.41 41.06
N THR A 248 -3.94 -1.86 41.90
CA THR A 248 -5.34 -2.21 41.94
C THR A 248 -6.15 -1.11 41.26
N VAL A 249 -6.79 -1.45 40.14
CA VAL A 249 -7.59 -0.50 39.38
C VAL A 249 -9.06 -0.81 39.63
N THR A 250 -9.77 0.14 40.24
CA THR A 250 -11.20 0.00 40.50
C THR A 250 -11.99 0.58 39.34
N VAL A 251 -12.82 -0.25 38.71
CA VAL A 251 -13.65 0.17 37.59
C VAL A 251 -15.11 -0.15 37.90
N THR A 252 -16.00 0.55 37.22
CA THR A 252 -17.44 0.32 37.34
C THR A 252 -18.05 0.10 35.97
N LYS A 253 -18.90 -0.91 35.87
CA LYS A 253 -19.67 -1.19 34.66
C LYS A 253 -21.06 -1.63 35.07
N ASP A 254 -22.07 -1.00 34.50
CA ASP A 254 -23.47 -1.28 34.82
C ASP A 254 -23.80 -0.97 36.28
N GLY A 255 -22.98 -0.14 36.92
CA GLY A 255 -23.20 0.22 38.31
C GLY A 255 -22.62 -0.74 39.31
N VAL A 256 -21.84 -1.72 38.88
CA VAL A 256 -21.23 -2.70 39.76
C VAL A 256 -19.73 -2.42 39.83
N ALA A 257 -19.20 -2.29 41.03
CA ALA A 257 -17.78 -2.04 41.23
C ALA A 257 -16.98 -3.32 41.06
N GLN A 258 -15.79 -3.18 40.50
CA GLN A 258 -14.93 -4.33 40.21
C GLN A 258 -13.48 -3.89 40.33
N GLU A 259 -12.63 -4.76 40.86
CA GLU A 259 -11.22 -4.50 41.03
C GLU A 259 -10.40 -5.37 40.09
N LEU A 260 -9.57 -4.74 39.27
CA LEU A 260 -8.58 -5.41 38.45
C LEU A 260 -7.21 -5.26 39.09
N LYS A 261 -6.27 -6.09 38.63
CA LYS A 261 -4.91 -6.06 39.15
C LYS A 261 -3.92 -6.32 38.02
N ALA A 262 -2.77 -5.66 38.10
CA ALA A 262 -1.70 -5.85 37.14
C ALA A 262 -0.40 -5.37 37.79
N GLU A 263 0.69 -5.52 37.06
CA GLU A 263 1.97 -5.00 37.51
C GLU A 263 2.16 -3.54 37.12
N LYS A 264 1.62 -3.13 35.99
CA LYS A 264 1.72 -1.76 35.50
C LYS A 264 0.36 -1.28 35.03
N VAL A 265 0.18 0.04 35.05
CA VAL A 265 -0.96 0.67 34.41
C VAL A 265 -0.44 1.74 33.46
N LEU A 266 -0.96 1.73 32.25
CA LEU A 266 -0.64 2.72 31.24
C LEU A 266 -1.84 3.64 31.06
N GLN A 267 -1.66 4.91 31.38
CA GLN A 267 -2.69 5.92 31.12
C GLN A 267 -2.56 6.39 29.68
N ALA A 268 -3.62 6.23 28.90
CA ALA A 268 -3.62 6.60 27.49
C ALA A 268 -5.04 7.03 27.08
N ILE A 269 -5.57 8.05 27.73
CA ILE A 269 -6.94 8.50 27.46
C ILE A 269 -7.01 9.74 26.57
N GLY A 270 -5.92 10.46 26.38
CA GLY A 270 -5.94 11.60 25.48
C GLY A 270 -4.82 12.58 25.78
N PHE A 271 -4.89 13.72 25.10
CA PHE A 271 -3.86 14.74 25.16
C PHE A 271 -4.46 16.12 25.32
N ALA A 272 -3.86 16.91 26.21
CA ALA A 272 -4.24 18.30 26.44
C ALA A 272 -3.18 19.23 25.87
N PRO A 273 -3.57 20.25 25.09
CA PRO A 273 -2.59 21.22 24.59
C PRO A 273 -1.75 21.86 25.68
N ASN A 274 -0.50 22.17 25.33
CA ASN A 274 0.42 22.87 26.22
C ASN A 274 0.22 24.37 26.03
N VAL A 275 -0.31 25.05 27.05
CA VAL A 275 -0.64 26.47 26.90
C VAL A 275 -0.23 27.26 28.13
N GLU A 276 0.45 26.61 29.07
CA GLU A 276 0.78 27.23 30.34
C GLU A 276 2.30 27.35 30.49
N GLY A 277 2.73 28.44 31.11
CA GLY A 277 4.10 28.60 31.52
C GLY A 277 5.01 29.39 30.60
N TYR A 278 4.60 29.64 29.35
CA TYR A 278 5.45 30.37 28.40
C TYR A 278 4.81 31.68 27.95
N GLY A 279 3.99 32.28 28.80
CA GLY A 279 3.55 33.66 28.62
C GLY A 279 2.60 33.95 27.48
N LEU A 280 1.64 33.07 27.22
CA LEU A 280 0.62 33.36 26.21
C LEU A 280 -0.22 34.57 26.57
N ASP A 281 -0.31 34.92 27.84
CA ASP A 281 -1.09 36.07 28.25
C ASP A 281 -0.35 37.38 28.03
N LYS A 282 0.98 37.36 28.07
CA LYS A 282 1.76 38.55 27.77
C LYS A 282 1.65 38.93 26.31
N ALA A 283 1.46 37.95 25.44
CA ALA A 283 1.29 38.19 24.02
C ALA A 283 -0.15 38.47 23.62
N GLY A 284 -1.10 38.22 24.54
CA GLY A 284 -2.50 38.48 24.28
C GLY A 284 -3.24 37.39 23.55
N VAL A 285 -2.71 36.17 23.48
CA VAL A 285 -3.32 35.11 22.70
C VAL A 285 -4.44 34.46 23.51
N ALA A 286 -5.59 34.26 22.87
CA ALA A 286 -6.82 33.82 23.53
C ALA A 286 -7.04 32.32 23.37
N LEU A 287 -7.49 31.69 24.44
CA LEU A 287 -7.80 30.26 24.45
C LEU A 287 -9.27 30.01 24.17
N THR A 288 -9.57 28.79 23.73
CA THR A 288 -10.96 28.37 23.54
C THR A 288 -11.52 27.85 24.87
N ASP A 289 -12.74 27.33 24.84
CA ASP A 289 -13.36 26.79 26.05
C ASP A 289 -12.80 25.42 26.44
N ARG A 290 -12.16 24.73 25.51
CA ARG A 290 -11.49 23.47 25.79
C ARG A 290 -10.00 23.65 26.07
N LYS A 291 -9.56 24.89 26.30
CA LYS A 291 -8.19 25.19 26.68
C LYS A 291 -7.19 24.95 25.54
N ALA A 292 -7.63 25.13 24.31
CA ALA A 292 -6.75 25.18 23.16
C ALA A 292 -6.57 26.62 22.70
N ILE A 293 -5.51 26.85 21.93
CA ILE A 293 -5.34 28.13 21.27
C ILE A 293 -6.30 28.20 20.09
N GLY A 294 -7.18 29.20 20.10
CA GLY A 294 -8.11 29.38 18.99
C GLY A 294 -7.44 29.95 17.75
N VAL A 295 -7.85 29.43 16.59
CA VAL A 295 -7.31 29.83 15.30
C VAL A 295 -8.43 29.91 14.29
N ASP A 296 -8.21 30.67 13.22
CA ASP A 296 -9.11 30.70 12.10
C ASP A 296 -8.62 29.71 11.03
N ASP A 297 -9.11 29.86 9.80
CA ASP A 297 -8.83 28.86 8.77
C ASP A 297 -7.40 28.96 8.24
N TYR A 298 -6.73 30.08 8.45
CA TYR A 298 -5.34 30.23 8.06
C TYR A 298 -4.41 30.11 9.25
N MET A 299 -4.88 29.48 10.33
CA MET A 299 -4.11 29.17 11.53
C MET A 299 -3.72 30.40 12.32
N ARG A 300 -4.42 31.51 12.13
CA ARG A 300 -4.08 32.77 12.77
C ARG A 300 -4.88 32.90 14.07
N THR A 301 -4.18 33.27 15.14
CA THR A 301 -4.82 33.52 16.42
C THR A 301 -5.52 34.88 16.41
N ASN A 302 -6.07 35.28 17.55
CA ASN A 302 -6.70 36.58 17.65
C ASN A 302 -5.69 37.73 17.54
N VAL A 303 -4.40 37.44 17.64
CA VAL A 303 -3.35 38.42 17.41
C VAL A 303 -2.89 38.27 15.97
N GLY A 304 -2.82 39.39 15.25
CA GLY A 304 -2.74 39.34 13.80
C GLY A 304 -1.49 38.66 13.26
N HIS A 305 -0.38 38.76 13.98
CA HIS A 305 0.89 38.25 13.48
C HIS A 305 1.33 36.97 14.17
N ILE A 306 0.50 36.37 15.03
CA ILE A 306 0.85 35.14 15.74
C ILE A 306 -0.05 34.02 15.24
N TYR A 307 0.56 32.88 14.99
CA TYR A 307 -0.10 31.70 14.44
C TYR A 307 0.10 30.52 15.37
N ALA A 308 -0.77 29.51 15.25
CA ALA A 308 -0.72 28.35 16.13
C ALA A 308 -1.03 27.11 15.31
N ILE A 309 -0.11 26.15 15.31
CA ILE A 309 -0.22 24.97 14.46
C ILE A 309 -0.01 23.73 15.31
N GLY A 310 -0.54 22.61 14.82
CA GLY A 310 -0.30 21.33 15.42
C GLY A 310 -1.25 21.02 16.56
N ASP A 311 -0.79 20.12 17.42
CA ASP A 311 -1.60 19.65 18.54
C ASP A 311 -2.02 20.76 19.49
N VAL A 312 -1.39 21.92 19.44
CA VAL A 312 -1.69 22.96 20.42
C VAL A 312 -3.01 23.69 20.12
N ASN A 313 -3.55 23.58 18.92
CA ASN A 313 -4.86 24.15 18.64
C ASN A 313 -5.97 23.12 18.77
N GLY A 314 -5.63 21.83 18.89
CA GLY A 314 -6.58 20.80 19.22
C GLY A 314 -7.48 20.33 18.11
N LEU A 315 -7.28 20.80 16.88
CA LEU A 315 -8.22 20.48 15.81
C LEU A 315 -8.19 19.00 15.47
N LEU A 316 -7.01 18.42 15.32
CA LEU A 316 -6.85 17.01 15.03
C LEU A 316 -5.40 16.61 15.29
N GLN A 317 -5.17 15.81 16.32
CA GLN A 317 -3.82 15.69 16.89
C GLN A 317 -3.06 14.54 16.22
N LEU A 318 -2.62 14.79 14.99
CA LEU A 318 -1.81 13.87 14.22
C LEU A 318 -0.65 14.63 13.58
N ALA A 319 0.40 13.89 13.25
CA ALA A 319 1.63 14.53 12.78
C ALA A 319 1.47 15.12 11.38
N HIS A 320 0.78 14.41 10.48
CA HIS A 320 0.61 14.95 9.13
C HIS A 320 -0.32 16.15 9.11
N VAL A 321 -1.29 16.21 10.02
CA VAL A 321 -2.10 17.42 10.16
C VAL A 321 -1.22 18.59 10.59
N ALA A 322 -0.31 18.36 11.54
CA ALA A 322 0.58 19.41 11.99
C ALA A 322 1.46 19.92 10.85
N GLU A 323 1.94 19.00 10.00
CA GLU A 323 2.72 19.41 8.82
C GLU A 323 1.88 20.29 7.90
N ALA A 324 0.67 19.83 7.54
CA ALA A 324 -0.14 20.58 6.60
C ALA A 324 -0.48 21.97 7.14
N GLN A 325 -0.69 22.10 8.45
CA GLN A 325 -1.02 23.40 9.04
C GLN A 325 0.17 24.35 9.01
N GLY A 326 1.38 23.81 9.25
CA GLY A 326 2.57 24.64 9.19
C GLY A 326 2.82 25.21 7.81
N VAL A 327 2.51 24.44 6.76
CA VAL A 327 2.67 24.96 5.41
C VAL A 327 1.70 26.10 5.17
N VAL A 328 0.42 25.91 5.53
CA VAL A 328 -0.55 27.00 5.42
C VAL A 328 -0.06 28.22 6.17
N ALA A 329 0.33 28.05 7.43
CA ALA A 329 0.78 29.18 8.24
C ALA A 329 1.91 29.93 7.56
N ALA A 330 2.92 29.20 7.08
CA ALA A 330 4.09 29.84 6.47
C ALA A 330 3.73 30.54 5.16
N GLU A 331 2.94 29.90 4.30
CA GLU A 331 2.52 30.56 3.07
C GLU A 331 1.68 31.79 3.34
N THR A 332 0.87 31.77 4.41
CA THR A 332 0.06 32.94 4.74
C THR A 332 0.93 34.10 5.20
N ILE A 333 2.01 33.82 5.93
CA ILE A 333 2.89 34.89 6.38
C ILE A 333 3.64 35.51 5.22
N ALA A 334 4.08 34.68 4.26
CA ALA A 334 4.85 35.18 3.13
C ALA A 334 3.99 35.81 2.05
N GLY A 335 2.68 35.64 2.12
CA GLY A 335 1.81 36.14 1.07
C GLY A 335 1.78 35.28 -0.17
N ALA A 336 2.17 34.02 -0.07
CA ALA A 336 2.20 33.10 -1.19
C ALA A 336 0.86 32.39 -1.36
N GLU A 337 0.70 31.72 -2.50
CA GLU A 337 -0.52 31.02 -2.83
C GLU A 337 -0.71 29.84 -1.87
N THR A 338 -1.83 29.84 -1.14
CA THR A 338 -2.12 28.79 -0.18
C THR A 338 -3.57 28.35 -0.34
N LEU A 339 -3.87 27.22 0.28
CA LEU A 339 -5.21 26.66 0.27
C LEU A 339 -5.52 26.15 1.67
N THR A 340 -6.72 26.46 2.17
N THR A 340 -6.71 26.48 2.18
CA THR A 340 -7.13 26.02 3.49
CA THR A 340 -7.06 26.02 3.52
C THR A 340 -7.38 24.52 3.50
C THR A 340 -7.32 24.52 3.50
N LEU A 341 -7.20 23.91 4.68
CA LEU A 341 -7.41 22.47 4.78
C LEU A 341 -8.89 22.13 4.75
N GLY A 342 -9.74 23.01 5.24
CA GLY A 342 -11.18 22.80 5.22
C GLY A 342 -11.68 22.02 6.41
N ASP A 343 -12.74 21.24 6.22
CA ASP A 343 -13.27 20.41 7.29
C ASP A 343 -12.24 19.36 7.69
N HIS A 344 -11.79 19.43 8.94
CA HIS A 344 -10.76 18.50 9.39
C HIS A 344 -11.27 17.07 9.54
N ARG A 345 -12.58 16.84 9.44
CA ARG A 345 -13.09 15.48 9.43
C ARG A 345 -12.73 14.72 8.16
N MET A 346 -12.44 15.41 7.06
CA MET A 346 -12.07 14.75 5.82
C MET A 346 -10.61 14.31 5.78
N LEU A 347 -9.79 14.74 6.73
CA LEU A 347 -8.40 14.34 6.72
C LEU A 347 -8.25 12.86 7.09
N PRO A 348 -7.31 12.15 6.50
CA PRO A 348 -7.16 10.72 6.79
C PRO A 348 -6.54 10.47 8.16
N ARG A 349 -6.73 9.25 8.64
CA ARG A 349 -6.14 8.79 9.88
C ARG A 349 -6.06 7.26 9.85
N ALA A 350 -5.15 6.71 10.66
CA ALA A 350 -4.89 5.28 10.62
C ALA A 350 -4.40 4.78 11.98
N THR A 351 -4.63 3.49 12.21
CA THR A 351 -4.11 2.77 13.37
C THR A 351 -3.27 1.61 12.85
N PHE A 352 -2.07 1.44 13.39
CA PHE A 352 -1.06 0.59 12.76
C PHE A 352 -0.82 -0.71 13.51
N CYS A 353 -1.83 -1.21 14.21
CA CYS A 353 -1.84 -2.64 14.50
C CYS A 353 -2.04 -3.42 13.20
N GLN A 354 -1.96 -4.74 13.28
CA GLN A 354 -2.17 -5.58 12.10
C GLN A 354 -3.34 -6.50 12.40
N PRO A 355 -4.45 -6.42 11.65
CA PRO A 355 -4.73 -5.60 10.47
C PRO A 355 -4.81 -4.11 10.75
N ASN A 356 -4.44 -3.28 9.79
CA ASN A 356 -4.56 -1.84 9.98
C ASN A 356 -6.02 -1.40 9.95
N VAL A 357 -6.24 -0.21 10.48
CA VAL A 357 -7.49 0.51 10.35
C VAL A 357 -7.18 1.85 9.72
N ALA A 358 -7.90 2.20 8.66
CA ALA A 358 -7.69 3.44 7.94
C ALA A 358 -9.03 4.03 7.53
N SER A 359 -9.19 5.34 7.70
CA SER A 359 -10.48 5.97 7.47
C SER A 359 -10.29 7.45 7.12
N PHE A 360 -11.36 8.04 6.61
CA PHE A 360 -11.42 9.47 6.31
C PHE A 360 -12.89 9.84 6.18
N GLY A 361 -13.20 11.09 6.49
CA GLY A 361 -14.54 11.61 6.27
C GLY A 361 -15.53 11.12 7.31
N LEU A 362 -16.77 10.96 6.87
CA LEU A 362 -17.88 10.66 7.76
C LEU A 362 -18.16 9.17 7.81
N THR A 363 -18.59 8.69 8.97
CA THR A 363 -19.13 7.35 9.08
C THR A 363 -20.51 7.31 8.45
N GLU A 364 -21.00 6.10 8.19
CA GLU A 364 -22.33 5.95 7.62
C GLU A 364 -23.36 6.68 8.47
N GLN A 365 -23.29 6.52 9.79
CA GLN A 365 -24.30 7.11 10.66
C GLN A 365 -24.18 8.63 10.75
N GLN A 366 -22.95 9.15 10.69
CA GLN A 366 -22.80 10.60 10.66
C GLN A 366 -23.36 11.21 9.40
N ALA A 367 -23.30 10.48 8.28
CA ALA A 367 -23.82 11.00 7.03
C ALA A 367 -25.34 10.96 6.99
N ARG A 368 -25.96 9.97 7.63
CA ARG A 368 -27.41 9.95 7.69
C ARG A 368 -27.92 11.04 8.62
N ASN A 369 -27.23 11.27 9.73
CA ASN A 369 -27.67 12.29 10.67
C ASN A 369 -27.48 13.70 10.15
N GLU A 370 -26.63 13.90 9.14
CA GLU A 370 -26.38 15.22 8.60
C GLU A 370 -27.18 15.51 7.34
N GLY A 371 -27.96 14.56 6.85
CA GLY A 371 -28.98 14.83 5.86
C GLY A 371 -28.65 14.47 4.43
N TYR A 372 -27.61 13.66 4.19
CA TYR A 372 -27.30 13.25 2.84
C TYR A 372 -28.18 12.08 2.42
N ASP A 373 -28.20 11.83 1.11
CA ASP A 373 -28.79 10.62 0.55
C ASP A 373 -27.67 9.60 0.41
N VAL A 374 -27.64 8.62 1.31
CA VAL A 374 -26.45 7.81 1.55
C VAL A 374 -26.53 6.53 0.73
N VAL A 375 -25.49 6.27 -0.05
CA VAL A 375 -25.29 4.98 -0.71
C VAL A 375 -24.01 4.37 -0.15
N VAL A 376 -24.07 3.10 0.23
CA VAL A 376 -22.97 2.41 0.88
C VAL A 376 -22.57 1.21 0.02
N ALA A 377 -21.26 0.98 -0.09
CA ALA A 377 -20.73 -0.18 -0.79
C ALA A 377 -19.67 -0.84 0.07
N LYS A 378 -19.81 -2.14 0.30
CA LYS A 378 -18.92 -2.87 1.19
C LYS A 378 -18.36 -4.09 0.47
N PHE A 379 -17.04 -4.22 0.45
CA PHE A 379 -16.38 -5.33 -0.22
C PHE A 379 -15.44 -6.04 0.75
N PRO A 380 -15.58 -7.35 0.95
CA PRO A 380 -14.70 -8.07 1.87
C PRO A 380 -13.41 -8.59 1.23
N PHE A 381 -12.39 -8.71 2.05
CA PHE A 381 -11.08 -9.13 1.54
C PHE A 381 -10.98 -10.63 1.30
N THR A 382 -11.96 -11.44 1.72
CA THR A 382 -12.02 -12.82 1.28
C THR A 382 -12.27 -12.94 -0.22
N ALA A 383 -12.73 -11.88 -0.88
CA ALA A 383 -12.89 -11.88 -2.33
C ALA A 383 -11.71 -11.22 -3.04
N ASN A 384 -10.64 -10.90 -2.33
CA ASN A 384 -9.45 -10.27 -2.89
C ASN A 384 -8.36 -11.32 -3.04
N ALA A 385 -7.85 -11.49 -4.25
CA ALA A 385 -6.88 -12.55 -4.50
C ALA A 385 -5.58 -12.30 -3.77
N LYS A 386 -5.11 -11.04 -3.77
CA LYS A 386 -3.86 -10.70 -3.11
C LYS A 386 -3.95 -10.93 -1.61
N ALA A 387 -5.09 -10.66 -1.00
CA ALA A 387 -5.23 -10.86 0.45
C ALA A 387 -5.04 -12.32 0.81
N HIS A 388 -5.56 -13.23 -0.03
CA HIS A 388 -5.34 -14.67 0.20
C HIS A 388 -3.89 -15.06 0.03
N GLY A 389 -3.18 -14.44 -0.92
CA GLY A 389 -1.78 -14.76 -1.13
C GLY A 389 -0.90 -14.38 0.04
N VAL A 390 -1.14 -13.23 0.65
CA VAL A 390 -0.31 -12.80 1.77
CA VAL A 390 -0.35 -12.76 1.78
C VAL A 390 -0.61 -13.57 3.04
N GLY A 391 -1.74 -14.26 3.11
CA GLY A 391 -2.07 -15.08 4.25
C GLY A 391 -2.95 -14.41 5.29
N ASP A 392 -3.52 -13.25 4.99
CA ASP A 392 -4.42 -12.55 5.91
C ASP A 392 -5.59 -11.99 5.12
N PRO A 393 -6.66 -12.77 4.93
CA PRO A 393 -7.79 -12.27 4.13
C PRO A 393 -8.93 -11.66 4.95
N SER A 394 -8.67 -11.09 6.11
CA SER A 394 -9.74 -10.57 6.93
C SER A 394 -9.99 -9.09 6.66
N GLY A 395 -11.11 -8.59 7.18
CA GLY A 395 -11.47 -7.20 7.02
C GLY A 395 -12.22 -6.91 5.73
N PHE A 396 -12.35 -5.61 5.45
CA PHE A 396 -13.23 -5.16 4.37
C PHE A 396 -12.89 -3.72 3.99
N VAL A 397 -13.55 -3.26 2.94
CA VAL A 397 -13.57 -1.86 2.52
C VAL A 397 -15.02 -1.40 2.49
N LYS A 398 -15.28 -0.21 3.02
CA LYS A 398 -16.63 0.35 3.07
C LYS A 398 -16.59 1.82 2.70
N LEU A 399 -17.25 2.19 1.61
CA LEU A 399 -17.31 3.56 1.13
C LEU A 399 -18.71 4.15 1.33
N VAL A 400 -18.74 5.41 1.72
CA VAL A 400 -19.97 6.17 1.93
C VAL A 400 -20.01 7.30 0.91
N ALA A 401 -21.12 7.44 0.21
CA ALA A 401 -21.23 8.42 -0.86
C ALA A 401 -22.60 9.07 -0.81
N ASP A 402 -22.75 10.12 -1.60
CA ASP A 402 -24.02 10.80 -1.78
C ASP A 402 -24.63 10.41 -3.12
N ALA A 403 -25.95 10.20 -3.13
CA ALA A 403 -26.60 9.56 -4.27
C ALA A 403 -26.72 10.48 -5.48
N LYS A 404 -26.97 11.77 -5.29
CA LYS A 404 -27.34 12.62 -6.41
C LYS A 404 -26.25 12.65 -7.48
N HIS A 405 -24.98 12.74 -7.07
CA HIS A 405 -23.88 12.72 -8.02
C HIS A 405 -22.84 11.64 -7.75
N GLY A 406 -22.93 10.94 -6.62
CA GLY A 406 -21.92 9.97 -6.29
C GLY A 406 -20.64 10.61 -5.79
N GLU A 407 -20.76 11.68 -5.03
CA GLU A 407 -19.60 12.30 -4.39
C GLU A 407 -19.26 11.55 -3.11
N LEU A 408 -17.96 11.35 -2.89
CA LEU A 408 -17.50 10.59 -1.73
C LEU A 408 -17.71 11.37 -0.44
N LEU A 409 -18.20 10.68 0.57
CA LEU A 409 -18.42 11.25 1.90
C LEU A 409 -17.52 10.66 2.97
N GLY A 410 -17.07 9.43 2.80
CA GLY A 410 -16.18 8.80 3.75
C GLY A 410 -15.76 7.45 3.26
N GLY A 411 -14.81 6.87 3.97
CA GLY A 411 -14.29 5.55 3.65
C GLY A 411 -13.63 4.95 4.85
N HIS A 412 -13.74 3.63 4.98
CA HIS A 412 -13.35 2.95 6.22
C HIS A 412 -12.81 1.58 5.87
N LEU A 413 -11.53 1.37 6.16
CA LEU A 413 -10.81 0.17 5.74
C LEU A 413 -10.22 -0.54 6.95
N VAL A 414 -10.38 -1.86 6.97
CA VAL A 414 -9.67 -2.70 7.93
CA VAL A 414 -9.68 -2.72 7.93
C VAL A 414 -9.08 -3.88 7.17
N GLY A 415 -7.78 -4.06 7.30
CA GLY A 415 -7.10 -5.15 6.61
C GLY A 415 -5.61 -4.93 6.62
N HIS A 416 -4.93 -5.86 5.96
CA HIS A 416 -3.48 -5.89 5.89
C HIS A 416 -2.90 -4.66 5.18
N ASP A 417 -2.22 -3.79 5.95
CA ASP A 417 -1.53 -2.61 5.43
C ASP A 417 -2.45 -1.64 4.69
N VAL A 418 -3.73 -1.56 5.08
CA VAL A 418 -4.66 -0.71 4.32
C VAL A 418 -4.33 0.78 4.47
N ALA A 419 -3.52 1.17 5.46
CA ALA A 419 -3.17 2.57 5.62
C ALA A 419 -2.64 3.18 4.32
N GLU A 420 -1.99 2.38 3.48
CA GLU A 420 -1.42 2.88 2.23
C GLU A 420 -2.45 3.14 1.14
N LEU A 421 -3.71 2.74 1.30
CA LEU A 421 -4.70 2.83 0.24
C LEU A 421 -5.57 4.08 0.30
N LEU A 422 -5.33 4.98 1.24
CA LEU A 422 -6.16 6.18 1.40
C LEU A 422 -5.92 7.29 0.38
N PRO A 423 -4.71 7.44 -0.20
CA PRO A 423 -4.46 8.64 -1.02
C PRO A 423 -5.33 8.78 -2.25
N GLU A 424 -5.77 7.67 -2.86
CA GLU A 424 -6.68 7.78 -4.00
C GLU A 424 -8.02 8.38 -3.57
N LEU A 425 -8.51 7.98 -2.40
CA LEU A 425 -9.83 8.40 -1.94
C LEU A 425 -9.84 9.87 -1.56
N THR A 426 -8.85 10.31 -0.78
CA THR A 426 -8.85 11.71 -0.35
C THR A 426 -8.55 12.66 -1.50
N LEU A 427 -7.85 12.18 -2.52
CA LEU A 427 -7.62 13.01 -3.70
C LEU A 427 -8.92 13.25 -4.46
N ALA A 428 -9.77 12.23 -4.56
CA ALA A 428 -11.05 12.37 -5.23
C ALA A 428 -12.01 13.26 -4.44
N GLN A 429 -11.97 13.17 -3.11
CA GLN A 429 -12.89 13.97 -2.31
C GLN A 429 -12.50 15.45 -2.34
N ARG A 430 -11.20 15.74 -2.32
CA ARG A 430 -10.76 17.13 -2.27
C ARG A 430 -10.94 17.85 -3.60
N TRP A 431 -10.91 17.13 -4.73
CA TRP A 431 -11.00 17.76 -6.04
C TRP A 431 -12.26 17.35 -6.81
N ASP A 432 -13.25 16.79 -6.11
CA ASP A 432 -14.60 16.63 -6.66
C ASP A 432 -14.65 15.63 -7.82
N LEU A 433 -14.04 14.48 -7.63
CA LEU A 433 -14.21 13.38 -8.56
C LEU A 433 -15.25 12.43 -8.00
N THR A 434 -16.17 11.98 -8.85
CA THR A 434 -17.28 11.16 -8.41
C THR A 434 -16.95 9.69 -8.58
N ALA A 435 -17.86 8.85 -8.07
CA ALA A 435 -17.72 7.40 -8.24
C ALA A 435 -17.61 7.03 -9.71
N SER A 436 -18.25 7.79 -10.60
CA SER A 436 -18.13 7.52 -12.02
C SER A 436 -16.69 7.67 -12.52
N GLU A 437 -15.99 8.71 -12.08
CA GLU A 437 -14.60 8.86 -12.49
C GLU A 437 -13.73 7.79 -11.85
N LEU A 438 -13.89 7.56 -10.55
CA LEU A 438 -13.10 6.56 -9.84
C LEU A 438 -13.29 5.18 -10.45
N ALA A 439 -14.52 4.84 -10.83
CA ALA A 439 -14.79 3.52 -11.38
C ALA A 439 -14.06 3.27 -12.70
N ARG A 440 -13.52 4.29 -13.34
CA ARG A 440 -12.78 4.12 -14.59
C ARG A 440 -11.27 4.02 -14.40
N ASN A 441 -10.77 4.11 -13.17
CA ASN A 441 -9.34 3.99 -12.93
C ASN A 441 -8.98 2.51 -12.81
N VAL A 442 -8.10 2.05 -13.69
CA VAL A 442 -7.67 0.65 -13.69
C VAL A 442 -6.63 0.43 -12.60
N HIS A 443 -6.80 -0.65 -11.83
CA HIS A 443 -5.91 -0.99 -10.72
C HIS A 443 -5.09 -2.23 -11.03
N THR A 444 -3.81 -2.18 -10.71
CA THR A 444 -2.91 -3.31 -10.92
C THR A 444 -3.42 -4.56 -10.23
N HIS A 445 -3.35 -5.67 -10.93
CA HIS A 445 -3.72 -6.96 -10.40
C HIS A 445 -2.48 -7.81 -10.11
N PRO A 446 -2.44 -8.54 -8.99
CA PRO A 446 -3.36 -8.55 -7.86
C PRO A 446 -2.83 -7.69 -6.72
N THR A 447 -3.57 -6.72 -6.23
CA THR A 447 -3.16 -5.90 -5.09
C THR A 447 -4.34 -5.76 -4.16
N MET A 448 -4.06 -5.37 -2.91
CA MET A 448 -5.12 -5.03 -1.97
C MET A 448 -5.98 -3.88 -2.48
N SER A 449 -5.44 -3.04 -3.36
CA SER A 449 -6.17 -1.88 -3.84
C SER A 449 -7.28 -2.21 -4.83
N GLU A 450 -7.28 -3.40 -5.43
CA GLU A 450 -8.38 -3.79 -6.29
C GLU A 450 -9.71 -3.80 -5.54
N ALA A 451 -9.68 -4.02 -4.22
CA ALA A 451 -10.93 -3.99 -3.46
C ALA A 451 -11.55 -2.59 -3.46
N LEU A 452 -10.74 -1.54 -3.62
CA LEU A 452 -11.29 -0.22 -3.83
C LEU A 452 -12.06 -0.14 -5.15
N GLN A 453 -11.45 -0.62 -6.23
CA GLN A 453 -12.12 -0.58 -7.52
C GLN A 453 -13.46 -1.28 -7.48
N GLU A 454 -13.55 -2.39 -6.74
CA GLU A 454 -14.81 -3.12 -6.64
C GLU A 454 -15.89 -2.29 -5.96
N CYS A 455 -15.51 -1.53 -4.92
CA CYS A 455 -16.48 -0.69 -4.22
C CYS A 455 -16.85 0.53 -5.04
N PHE A 456 -15.96 1.05 -5.88
CA PHE A 456 -16.35 2.07 -6.84
C PHE A 456 -17.46 1.56 -7.77
N HIS A 457 -17.32 0.33 -8.27
CA HIS A 457 -18.36 -0.23 -9.14
C HIS A 457 -19.65 -0.44 -8.36
N GLY A 458 -19.55 -0.85 -7.11
CA GLY A 458 -20.73 -0.97 -6.27
C GLY A 458 -21.48 0.32 -6.09
N LEU A 459 -20.77 1.45 -6.02
CA LEU A 459 -21.45 2.73 -5.86
C LEU A 459 -22.18 3.16 -7.11
N VAL A 460 -21.65 2.84 -8.31
CA VAL A 460 -22.35 3.15 -9.54
C VAL A 460 -23.34 2.06 -9.94
N GLY A 461 -23.35 0.94 -9.23
CA GLY A 461 -24.43 -0.01 -9.32
C GLY A 461 -24.13 -1.36 -9.94
N HIS A 462 -22.87 -1.79 -10.00
CA HIS A 462 -22.55 -3.09 -10.58
C HIS A 462 -21.21 -3.63 -10.12
N MET A 463 -21.15 -4.10 -8.89
CA MET A 463 -19.97 -4.81 -8.41
C MET A 463 -19.81 -6.12 -9.18
N ILE A 464 -18.61 -6.38 -9.68
CA ILE A 464 -18.35 -7.49 -10.59
C ILE A 464 -17.81 -8.72 -9.85
N ASN A 465 -16.73 -8.57 -9.07
CA ASN A 465 -16.04 -9.73 -8.50
C ASN A 465 -16.61 -10.17 -7.17
N PHE A 466 -17.74 -9.62 -6.74
CA PHE A 466 -18.40 -10.09 -5.54
C PHE A 466 -19.89 -9.93 -5.69
N MET B 3 -28.69 -27.44 -30.66
CA MET B 3 -28.65 -26.02 -31.13
C MET B 3 -29.28 -25.10 -30.08
N THR B 4 -28.80 -23.86 -30.04
CA THR B 4 -29.34 -22.86 -29.13
C THR B 4 -28.69 -21.52 -29.44
N HIS B 5 -29.42 -20.44 -29.16
CA HIS B 5 -29.03 -19.10 -29.56
C HIS B 5 -28.81 -18.24 -28.32
N TYR B 6 -27.75 -17.45 -28.34
CA TYR B 6 -27.48 -16.49 -27.27
C TYR B 6 -27.28 -15.11 -27.86
N ASP B 7 -27.43 -14.09 -27.02
CA ASP B 7 -27.07 -12.74 -27.44
C ASP B 7 -25.56 -12.57 -27.57
N VAL B 8 -24.80 -13.18 -26.66
CA VAL B 8 -23.35 -13.06 -26.63
C VAL B 8 -22.75 -14.39 -26.21
N VAL B 9 -21.79 -14.89 -26.99
N VAL B 9 -21.80 -14.88 -27.00
CA VAL B 9 -20.99 -16.03 -26.61
CA VAL B 9 -20.99 -16.04 -26.62
C VAL B 9 -19.57 -15.55 -26.34
C VAL B 9 -19.57 -15.56 -26.36
N VAL B 10 -18.97 -16.06 -25.28
CA VAL B 10 -17.60 -15.72 -24.89
C VAL B 10 -16.75 -16.97 -25.05
N LEU B 11 -15.64 -16.83 -25.76
CA LEU B 11 -14.69 -17.92 -25.99
C LEU B 11 -13.50 -17.73 -25.06
N GLY B 12 -13.36 -18.63 -24.08
CA GLY B 12 -12.30 -18.55 -23.08
C GLY B 12 -12.79 -17.93 -21.78
N ALA B 13 -12.37 -18.45 -20.64
CA ALA B 13 -12.90 -18.03 -19.34
C ALA B 13 -11.81 -17.56 -18.38
N GLY B 14 -10.83 -16.83 -18.89
CA GLY B 14 -9.85 -16.17 -18.05
C GLY B 14 -10.32 -14.82 -17.54
N PRO B 15 -9.40 -14.02 -17.00
CA PRO B 15 -9.79 -12.72 -16.46
C PRO B 15 -10.61 -11.86 -17.43
N GLY B 16 -10.26 -11.82 -18.70
CA GLY B 16 -11.04 -11.04 -19.64
C GLY B 16 -12.38 -11.66 -19.97
N GLY B 17 -12.40 -12.95 -20.26
CA GLY B 17 -13.61 -13.60 -20.72
C GLY B 17 -14.72 -13.62 -19.68
N TYR B 18 -14.38 -14.00 -18.44
CA TYR B 18 -15.41 -14.16 -17.42
C TYR B 18 -15.86 -12.81 -16.86
N VAL B 19 -15.02 -11.79 -16.90
CA VAL B 19 -15.49 -10.45 -16.51
C VAL B 19 -16.42 -9.88 -17.58
N ALA B 20 -16.10 -10.08 -18.85
CA ALA B 20 -16.98 -9.61 -19.92
C ALA B 20 -18.36 -10.26 -19.82
N ALA B 21 -18.40 -11.58 -19.59
CA ALA B 21 -19.67 -12.28 -19.50
C ALA B 21 -20.52 -11.75 -18.35
N ILE B 22 -19.92 -11.48 -17.20
CA ILE B 22 -20.67 -10.92 -16.08
C ILE B 22 -21.24 -9.56 -16.46
N ARG B 23 -20.41 -8.69 -17.04
CA ARG B 23 -20.86 -7.36 -17.42
C ARG B 23 -21.99 -7.43 -18.44
N ALA B 24 -21.90 -8.37 -19.38
CA ALA B 24 -22.97 -8.57 -20.34
C ALA B 24 -24.23 -9.11 -19.68
N ALA B 25 -24.06 -9.87 -18.59
CA ALA B 25 -25.22 -10.33 -17.83
C ALA B 25 -25.83 -9.20 -17.03
N GLN B 26 -25.02 -8.26 -16.56
CA GLN B 26 -25.54 -7.12 -15.81
C GLN B 26 -26.32 -6.17 -16.72
N LEU B 27 -25.96 -6.09 -18.00
CA LEU B 27 -26.62 -5.18 -18.93
C LEU B 27 -27.82 -5.83 -19.62
N GLY B 28 -28.21 -7.04 -19.22
CA GLY B 28 -29.43 -7.65 -19.68
C GLY B 28 -29.30 -8.64 -20.82
N LEU B 29 -28.10 -8.89 -21.32
CA LEU B 29 -27.93 -9.80 -22.44
C LEU B 29 -27.84 -11.24 -21.95
N SER B 30 -28.41 -12.16 -22.72
CA SER B 30 -28.27 -13.58 -22.44
C SER B 30 -26.90 -14.06 -22.92
N THR B 31 -26.16 -14.73 -22.03
CA THR B 31 -24.74 -14.95 -22.21
C THR B 31 -24.36 -16.40 -21.97
N ALA B 32 -23.49 -16.92 -22.83
CA ALA B 32 -22.85 -18.21 -22.66
C ALA B 32 -21.34 -18.04 -22.76
N ILE B 33 -20.60 -18.85 -22.00
CA ILE B 33 -19.15 -18.81 -21.98
C ILE B 33 -18.61 -20.22 -22.17
N VAL B 34 -17.67 -20.38 -23.09
CA VAL B 34 -17.14 -21.68 -23.53
C VAL B 34 -15.70 -21.78 -23.04
N GLU B 35 -15.39 -22.82 -22.27
CA GLU B 35 -14.07 -23.00 -21.68
C GLU B 35 -13.76 -24.48 -21.49
N PRO B 36 -12.68 -25.02 -22.08
CA PRO B 36 -12.41 -26.46 -21.95
C PRO B 36 -11.63 -26.88 -20.70
N LYS B 37 -10.85 -25.98 -20.13
CA LYS B 37 -9.82 -26.41 -19.17
C LYS B 37 -9.75 -25.54 -17.93
N TYR B 38 -9.33 -24.30 -18.08
CA TYR B 38 -9.06 -23.41 -16.96
C TYR B 38 -10.23 -22.45 -16.77
N TRP B 39 -11.03 -22.66 -15.74
CA TRP B 39 -11.93 -21.62 -15.28
C TRP B 39 -11.12 -20.65 -14.43
N GLY B 40 -11.06 -19.40 -14.87
CA GLY B 40 -10.09 -18.47 -14.36
C GLY B 40 -8.84 -18.33 -15.22
N GLY B 41 -8.75 -19.06 -16.31
CA GLY B 41 -7.64 -18.98 -17.26
C GLY B 41 -6.28 -19.19 -16.63
N VAL B 42 -5.27 -18.60 -17.27
CA VAL B 42 -3.89 -18.76 -16.82
C VAL B 42 -3.67 -18.07 -15.49
N CYS B 43 -4.31 -16.90 -15.30
CA CYS B 43 -4.07 -16.06 -14.14
C CYS B 43 -4.38 -16.80 -12.84
N LEU B 44 -5.58 -17.34 -12.72
CA LEU B 44 -6.03 -17.95 -11.48
C LEU B 44 -5.50 -19.37 -11.28
N ASN B 45 -5.13 -20.05 -12.36
CA ASN B 45 -4.77 -21.46 -12.24
C ASN B 45 -3.27 -21.71 -12.16
N VAL B 46 -2.46 -20.96 -12.91
CA VAL B 46 -1.03 -21.24 -12.98
C VAL B 46 -0.24 -19.95 -13.20
N GLY B 47 -0.84 -18.80 -12.88
CA GLY B 47 -0.22 -17.54 -13.23
C GLY B 47 -0.06 -16.58 -12.08
N CYS B 48 -0.78 -15.45 -12.14
CA CYS B 48 -0.68 -14.41 -11.12
C CYS B 48 -0.93 -14.95 -9.72
N ILE B 49 -2.06 -15.62 -9.54
CA ILE B 49 -2.60 -15.91 -8.21
C ILE B 49 -1.67 -16.89 -7.50
N PRO B 50 -1.39 -18.07 -8.05
CA PRO B 50 -0.52 -19.00 -7.32
C PRO B 50 0.88 -18.47 -7.10
N SER B 51 1.42 -17.72 -8.06
CA SER B 51 2.78 -17.20 -7.90
C SER B 51 2.89 -16.10 -6.84
N LYS B 52 1.81 -15.40 -6.53
CA LYS B 52 1.88 -14.42 -5.44
C LYS B 52 1.96 -15.14 -4.10
N ALA B 53 1.27 -16.26 -3.96
CA ALA B 53 1.40 -17.07 -2.75
C ALA B 53 2.83 -17.56 -2.56
N LEU B 54 3.48 -17.99 -3.64
CA LEU B 54 4.87 -18.43 -3.54
C LEU B 54 5.81 -17.27 -3.25
N LEU B 55 5.52 -16.07 -3.77
CA LEU B 55 6.37 -14.93 -3.50
C LEU B 55 6.27 -14.51 -2.04
N ARG B 56 5.09 -14.60 -1.46
CA ARG B 56 4.95 -14.30 -0.04
C ARG B 56 5.79 -15.24 0.81
N ASN B 57 5.75 -16.54 0.51
CA ASN B 57 6.56 -17.50 1.25
C ASN B 57 8.05 -17.16 1.14
N ALA B 58 8.52 -16.88 -0.08
CA ALA B 58 9.92 -16.56 -0.29
C ALA B 58 10.34 -15.30 0.46
N GLU B 59 9.44 -14.32 0.58
CA GLU B 59 9.76 -13.12 1.33
C GLU B 59 10.00 -13.44 2.81
N LEU B 60 9.24 -14.38 3.36
CA LEU B 60 9.41 -14.72 4.77
C LEU B 60 10.66 -15.56 5.02
N VAL B 61 11.04 -16.41 4.07
CA VAL B 61 12.32 -17.11 4.19
C VAL B 61 13.46 -16.11 4.21
N HIS B 62 13.33 -15.05 3.43
N HIS B 62 13.33 -15.04 3.44
CA HIS B 62 14.41 -14.07 3.31
CA HIS B 62 14.40 -14.06 3.34
C HIS B 62 14.50 -13.21 4.55
C HIS B 62 14.49 -13.19 4.59
N ILE B 63 13.37 -12.83 5.14
N ILE B 63 13.41 -13.03 5.33
CA ILE B 63 13.40 -12.02 6.35
CA ILE B 63 13.44 -12.31 6.59
C ILE B 63 14.15 -12.73 7.46
C ILE B 63 13.90 -13.22 7.72
N PHE B 64 13.95 -14.04 7.59
N PHE B 64 13.35 -14.42 7.80
CA PHE B 64 14.70 -14.75 8.62
CA PHE B 64 13.67 -15.35 8.89
C PHE B 64 16.18 -14.84 8.28
C PHE B 64 15.02 -16.02 8.71
N THR B 65 16.50 -15.45 7.15
N THR B 65 15.91 -15.48 7.86
CA THR B 65 17.90 -15.77 6.85
CA THR B 65 17.27 -15.99 7.73
C THR B 65 18.76 -14.52 6.89
C THR B 65 18.27 -14.87 7.56
N LYS B 66 18.25 -13.41 6.39
N LYS B 66 18.01 -13.95 6.62
CA LYS B 66 19.03 -12.19 6.29
CA LYS B 66 18.94 -12.85 6.39
C LYS B 66 18.88 -11.30 7.51
C LYS B 66 18.85 -11.78 7.47
N ASP B 67 17.67 -11.20 8.07
N ASP B 67 17.66 -11.54 8.01
CA ASP B 67 17.37 -10.20 9.09
CA ASP B 67 17.43 -10.45 8.96
C ASP B 67 17.09 -10.80 10.46
C ASP B 67 17.16 -10.94 10.37
N ALA B 68 17.37 -12.10 10.66
N ALA B 68 17.41 -12.20 10.67
CA ALA B 68 17.04 -12.71 11.94
CA ALA B 68 17.04 -12.75 11.97
C ALA B 68 17.70 -11.97 13.10
C ALA B 68 17.70 -11.98 13.11
N LYS B 69 19.02 -11.79 13.03
CA LYS B 69 19.73 -11.11 14.11
C LYS B 69 19.21 -9.68 14.31
N ALA B 70 18.95 -8.97 13.22
CA ALA B 70 18.48 -7.59 13.35
C ALA B 70 17.14 -7.50 14.07
N PHE B 71 16.28 -8.50 13.91
CA PHE B 71 14.97 -8.48 14.54
C PHE B 71 14.92 -9.22 15.87
N GLY B 72 16.05 -9.75 16.33
CA GLY B 72 16.06 -10.50 17.58
C GLY B 72 15.41 -11.86 17.48
N ILE B 73 15.58 -12.54 16.36
CA ILE B 73 15.01 -13.87 16.15
C ILE B 73 16.15 -14.88 16.21
N SER B 74 16.07 -15.80 17.16
CA SER B 74 17.11 -16.82 17.33
C SER B 74 16.49 -18.20 17.27
N GLY B 75 17.34 -19.18 17.01
CA GLY B 75 16.90 -20.56 16.83
C GLY B 75 17.21 -21.08 15.45
N GLU B 76 17.20 -22.40 15.29
CA GLU B 76 17.46 -23.04 14.01
C GLU B 76 16.13 -23.17 13.27
N VAL B 77 15.98 -22.41 12.18
CA VAL B 77 14.74 -22.35 11.43
C VAL B 77 14.97 -22.98 10.07
N THR B 78 14.15 -23.95 9.72
CA THR B 78 14.16 -24.56 8.40
C THR B 78 12.84 -24.27 7.69
N PHE B 79 12.88 -24.32 6.36
CA PHE B 79 11.73 -24.05 5.52
C PHE B 79 11.52 -25.20 4.56
N ASP B 80 10.27 -25.60 4.40
CA ASP B 80 9.90 -26.66 3.48
C ASP B 80 9.23 -26.03 2.26
N TYR B 81 9.81 -26.26 1.08
CA TYR B 81 9.21 -25.74 -0.14
C TYR B 81 7.95 -26.53 -0.51
N GLY B 82 7.87 -27.80 -0.11
CA GLY B 82 6.67 -28.57 -0.38
C GLY B 82 5.41 -27.95 0.21
N ILE B 83 5.52 -27.41 1.42
CA ILE B 83 4.39 -26.76 2.06
C ILE B 83 4.01 -25.49 1.31
N ALA B 84 5.00 -24.68 0.94
CA ALA B 84 4.74 -23.50 0.12
C ALA B 84 3.96 -23.86 -1.14
N TYR B 85 4.30 -24.99 -1.75
CA TYR B 85 3.60 -25.44 -2.95
C TYR B 85 2.17 -25.87 -2.61
N ASP B 86 2.01 -26.68 -1.57
CA ASP B 86 0.67 -27.09 -1.15
C ASP B 86 -0.24 -25.89 -0.92
N ARG B 87 0.28 -24.83 -0.31
CA ARG B 87 -0.54 -23.66 -0.02
C ARG B 87 -0.91 -22.91 -1.30
N SER B 88 0.03 -22.73 -2.21
CA SER B 88 -0.27 -22.04 -3.46
C SER B 88 -1.37 -22.75 -4.25
N ARG B 89 -1.47 -24.07 -4.15
CA ARG B 89 -2.54 -24.78 -4.85
C ARG B 89 -3.88 -24.65 -4.14
N LYS B 90 -3.89 -24.51 -2.81
CA LYS B 90 -5.14 -24.26 -2.11
C LYS B 90 -5.63 -22.84 -2.34
N VAL B 91 -4.74 -21.88 -2.49
CA VAL B 91 -5.17 -20.52 -2.81
C VAL B 91 -5.80 -20.48 -4.19
N ALA B 92 -5.18 -21.15 -5.16
CA ALA B 92 -5.71 -21.19 -6.52
C ALA B 92 -7.08 -21.84 -6.56
N GLU B 93 -7.23 -22.99 -5.88
CA GLU B 93 -8.50 -23.70 -5.89
C GLU B 93 -9.62 -22.87 -5.28
N GLY B 94 -9.28 -22.00 -4.32
CA GLY B 94 -10.32 -21.21 -3.67
C GLY B 94 -10.86 -20.11 -4.57
N ARG B 95 -10.03 -19.58 -5.45
CA ARG B 95 -10.49 -18.54 -6.37
C ARG B 95 -11.23 -19.14 -7.57
N VAL B 96 -10.88 -20.37 -7.99
CA VAL B 96 -11.64 -21.01 -9.05
C VAL B 96 -13.07 -21.27 -8.59
N ALA B 97 -13.24 -21.67 -7.34
CA ALA B 97 -14.58 -21.84 -6.79
C ALA B 97 -15.33 -20.51 -6.79
N GLY B 98 -14.61 -19.40 -6.64
CA GLY B 98 -15.24 -18.10 -6.71
C GLY B 98 -15.78 -17.77 -8.09
N VAL B 99 -15.02 -18.13 -9.13
CA VAL B 99 -15.48 -17.84 -10.50
C VAL B 99 -16.74 -18.62 -10.82
N HIS B 100 -16.86 -19.86 -10.31
CA HIS B 100 -18.07 -20.63 -10.56
C HIS B 100 -19.27 -20.04 -9.83
N PHE B 101 -19.06 -19.59 -8.60
CA PHE B 101 -20.14 -18.93 -7.86
C PHE B 101 -20.60 -17.66 -8.57
N LEU B 102 -19.68 -16.92 -9.18
CA LEU B 102 -20.06 -15.69 -9.89
C LEU B 102 -20.84 -16.00 -11.17
N MET B 103 -20.45 -17.06 -11.88
CA MET B 103 -21.22 -17.48 -13.06
C MET B 103 -22.63 -17.88 -12.68
N LYS B 104 -22.77 -18.62 -11.58
CA LYS B 104 -24.09 -19.04 -11.13
C LYS B 104 -24.93 -17.83 -10.70
N LYS B 105 -24.33 -16.90 -9.95
CA LYS B 105 -25.08 -15.75 -9.48
C LYS B 105 -25.65 -14.94 -10.64
N ASN B 106 -24.90 -14.80 -11.72
CA ASN B 106 -25.29 -13.96 -12.84
C ASN B 106 -26.07 -14.70 -13.91
N LYS B 107 -26.36 -15.98 -13.71
CA LYS B 107 -27.16 -16.77 -14.65
C LYS B 107 -26.48 -16.89 -16.01
N ILE B 108 -25.18 -17.12 -16.00
CA ILE B 108 -24.41 -17.30 -17.22
C ILE B 108 -24.32 -18.80 -17.50
N THR B 109 -24.56 -19.18 -18.74
CA THR B 109 -24.49 -20.58 -19.13
C THR B 109 -23.04 -20.98 -19.39
N GLU B 110 -22.49 -21.84 -18.52
CA GLU B 110 -21.18 -22.42 -18.77
C GLU B 110 -21.29 -23.58 -19.74
N ILE B 111 -20.37 -23.62 -20.70
CA ILE B 111 -20.27 -24.69 -21.68
C ILE B 111 -18.85 -25.23 -21.62
N HIS B 112 -18.71 -26.49 -21.24
CA HIS B 112 -17.42 -27.10 -20.99
C HIS B 112 -16.94 -27.76 -22.27
N GLY B 113 -16.14 -27.04 -23.04
CA GLY B 113 -15.65 -27.56 -24.30
C GLY B 113 -14.77 -26.56 -25.01
N TYR B 114 -14.33 -26.96 -26.19
CA TYR B 114 -13.45 -26.17 -27.05
C TYR B 114 -14.26 -25.69 -28.25
N GLY B 115 -14.29 -24.38 -28.44
CA GLY B 115 -15.12 -23.77 -29.47
C GLY B 115 -14.37 -23.47 -30.75
N THR B 116 -15.06 -23.63 -31.87
CA THR B 116 -14.52 -23.39 -33.21
C THR B 116 -15.58 -22.69 -34.04
N PHE B 117 -15.22 -21.59 -34.70
CA PHE B 117 -16.18 -20.88 -35.54
C PHE B 117 -16.48 -21.69 -36.80
N ALA B 118 -17.77 -21.84 -37.10
CA ALA B 118 -18.20 -22.42 -38.37
C ALA B 118 -18.45 -21.35 -39.43
N ASP B 119 -18.96 -20.19 -39.00
CA ASP B 119 -19.06 -19.04 -39.88
C ASP B 119 -19.08 -17.78 -39.02
N ALA B 120 -19.67 -16.69 -39.52
CA ALA B 120 -19.67 -15.43 -38.78
C ALA B 120 -20.68 -15.40 -37.65
N ASN B 121 -21.61 -16.35 -37.57
CA ASN B 121 -22.60 -16.37 -36.51
C ASN B 121 -22.78 -17.73 -35.84
N THR B 122 -22.03 -18.75 -36.24
CA THR B 122 -22.21 -20.10 -35.72
C THR B 122 -20.92 -20.60 -35.09
N LEU B 123 -21.03 -21.17 -33.90
CA LEU B 123 -19.91 -21.77 -33.19
C LEU B 123 -20.20 -23.24 -32.97
N LEU B 124 -19.25 -24.10 -33.35
N LEU B 124 -19.25 -24.09 -33.33
CA LEU B 124 -19.33 -25.52 -33.09
CA LEU B 124 -19.34 -25.53 -33.09
C LEU B 124 -18.43 -25.84 -31.91
C LEU B 124 -18.41 -25.87 -31.93
N VAL B 125 -18.98 -26.46 -30.88
CA VAL B 125 -18.24 -26.78 -29.66
C VAL B 125 -18.07 -28.29 -29.56
N ASP B 126 -16.84 -28.70 -29.26
N ASP B 126 -16.85 -28.70 -29.23
CA ASP B 126 -16.54 -30.09 -28.92
CA ASP B 126 -16.54 -30.08 -28.92
C ASP B 126 -16.55 -30.22 -27.40
C ASP B 126 -16.55 -30.23 -27.41
N LEU B 127 -17.52 -30.96 -26.88
CA LEU B 127 -17.74 -31.03 -25.45
C LEU B 127 -16.72 -31.95 -24.78
N ASN B 128 -16.28 -31.54 -23.58
CA ASN B 128 -15.42 -32.41 -22.78
C ASN B 128 -16.06 -33.77 -22.51
N ASP B 129 -17.40 -33.81 -22.41
CA ASP B 129 -18.08 -35.08 -22.14
C ASP B 129 -18.17 -35.97 -23.38
N GLY B 130 -17.77 -35.48 -24.55
CA GLY B 130 -17.65 -36.32 -25.73
C GLY B 130 -18.61 -36.00 -26.86
N GLY B 131 -19.61 -35.15 -26.63
CA GLY B 131 -20.56 -34.80 -27.67
C GLY B 131 -20.15 -33.56 -28.44
N THR B 132 -21.08 -33.07 -29.24
CA THR B 132 -20.91 -31.83 -29.99
C THR B 132 -22.12 -30.94 -29.75
N GLU B 133 -21.90 -29.64 -29.82
CA GLU B 133 -22.96 -28.66 -29.65
C GLU B 133 -22.77 -27.53 -30.64
N SER B 134 -23.88 -27.00 -31.13
CA SER B 134 -23.88 -25.83 -32.00
C SER B 134 -24.48 -24.66 -31.26
N VAL B 135 -23.93 -23.47 -31.49
CA VAL B 135 -24.34 -22.27 -30.77
C VAL B 135 -24.31 -21.09 -31.71
N THR B 136 -25.47 -20.54 -32.03
CA THR B 136 -25.55 -19.31 -32.81
C THR B 136 -25.58 -18.11 -31.88
N PHE B 137 -25.06 -16.99 -32.37
CA PHE B 137 -24.94 -15.80 -31.55
C PHE B 137 -25.21 -14.57 -32.40
N ASP B 138 -25.42 -13.45 -31.72
CA ASP B 138 -25.45 -12.14 -32.34
C ASP B 138 -24.10 -11.43 -32.26
N ASN B 139 -23.41 -11.58 -31.14
CA ASN B 139 -22.09 -11.01 -30.93
C ASN B 139 -21.24 -12.02 -30.19
N ALA B 140 -19.94 -11.99 -30.46
CA ALA B 140 -19.00 -12.92 -29.85
C ALA B 140 -17.78 -12.15 -29.36
N ILE B 141 -17.29 -12.54 -28.20
CA ILE B 141 -16.08 -11.98 -27.62
C ILE B 141 -15.02 -13.08 -27.58
N ILE B 142 -13.90 -12.83 -28.26
CA ILE B 142 -12.77 -13.75 -28.28
C ILE B 142 -11.82 -13.35 -27.17
N ALA B 143 -11.57 -14.28 -26.25
CA ALA B 143 -10.72 -14.05 -25.09
C ALA B 143 -9.90 -15.31 -24.84
N THR B 144 -9.12 -15.71 -25.84
CA THR B 144 -8.44 -17.00 -25.87
C THR B 144 -7.00 -16.95 -25.39
N GLY B 145 -6.50 -15.79 -24.93
CA GLY B 145 -5.19 -15.73 -24.29
C GLY B 145 -4.02 -15.93 -25.23
N SER B 146 -2.88 -16.25 -24.64
CA SER B 146 -1.64 -16.47 -25.39
C SER B 146 -0.95 -17.71 -24.85
N SER B 147 0.12 -18.10 -25.53
CA SER B 147 0.95 -19.24 -25.16
C SER B 147 2.41 -18.81 -25.05
N THR B 148 3.22 -19.69 -24.49
CA THR B 148 4.64 -19.39 -24.30
C THR B 148 5.36 -19.39 -25.64
N ARG B 149 6.25 -18.41 -25.81
CA ARG B 149 7.13 -18.33 -26.96
C ARG B 149 8.44 -19.01 -26.61
N LEU B 150 8.98 -19.80 -27.53
CA LEU B 150 10.21 -20.54 -27.28
C LEU B 150 11.39 -19.89 -27.98
N VAL B 151 12.57 -20.03 -27.37
CA VAL B 151 13.80 -19.55 -28.01
C VAL B 151 13.93 -20.20 -29.38
N PRO B 152 14.19 -19.43 -30.45
CA PRO B 152 14.16 -20.02 -31.80
C PRO B 152 15.19 -21.13 -31.95
N GLY B 153 14.72 -22.31 -32.34
CA GLY B 153 15.56 -23.47 -32.52
C GLY B 153 15.45 -24.50 -31.43
N THR B 154 15.00 -24.12 -30.24
CA THR B 154 14.97 -25.02 -29.11
C THR B 154 13.62 -25.72 -29.02
N SER B 155 13.48 -26.60 -28.03
CA SER B 155 12.25 -27.34 -27.83
C SER B 155 12.11 -27.67 -26.35
N LEU B 156 10.88 -27.96 -25.94
CA LEU B 156 10.63 -28.40 -24.58
C LEU B 156 11.00 -29.87 -24.45
N SER B 157 11.27 -30.27 -23.21
CA SER B 157 11.67 -31.65 -22.91
C SER B 157 11.58 -31.83 -21.41
N ALA B 158 12.15 -32.94 -20.92
CA ALA B 158 12.10 -33.23 -19.49
C ALA B 158 12.68 -32.08 -18.67
N ASN B 159 13.89 -31.63 -19.02
CA ASN B 159 14.61 -30.65 -18.23
C ASN B 159 14.55 -29.25 -18.81
N VAL B 160 13.81 -29.04 -19.89
CA VAL B 160 13.55 -27.73 -20.46
C VAL B 160 12.05 -27.52 -20.43
N VAL B 161 11.61 -26.49 -19.71
CA VAL B 161 10.21 -26.34 -19.35
C VAL B 161 9.78 -24.89 -19.52
N THR B 162 8.47 -24.68 -19.43
CA THR B 162 7.87 -23.35 -19.39
C THR B 162 7.34 -23.08 -17.99
N TYR B 163 6.75 -21.88 -17.81
CA TYR B 163 6.24 -21.49 -16.51
C TYR B 163 5.28 -22.53 -15.95
N GLU B 164 4.52 -23.20 -16.81
CA GLU B 164 3.42 -24.03 -16.33
C GLU B 164 3.93 -25.27 -15.63
N GLU B 165 4.95 -25.93 -16.17
CA GLU B 165 5.50 -27.11 -15.50
C GLU B 165 6.33 -26.75 -14.28
N GLN B 166 6.94 -25.57 -14.26
CA GLN B 166 7.73 -25.17 -13.10
C GLN B 166 6.84 -24.85 -11.91
N ILE B 167 5.83 -24.00 -12.12
CA ILE B 167 4.95 -23.62 -11.03
C ILE B 167 4.12 -24.78 -10.50
N LEU B 168 4.04 -25.89 -11.21
CA LEU B 168 3.35 -27.08 -10.73
C LEU B 168 4.30 -28.16 -10.22
N SER B 169 5.58 -27.83 -10.03
CA SER B 169 6.55 -28.79 -9.50
C SER B 169 6.61 -28.64 -7.99
N ARG B 170 6.40 -29.74 -7.28
CA ARG B 170 6.54 -29.72 -5.82
C ARG B 170 8.01 -29.80 -5.38
N GLU B 171 8.88 -30.33 -6.21
CA GLU B 171 10.30 -30.47 -5.89
C GLU B 171 11.12 -29.41 -6.63
N LEU B 172 12.29 -29.09 -6.07
CA LEU B 172 13.15 -28.07 -6.64
C LEU B 172 14.42 -28.68 -7.23
N PRO B 173 14.99 -28.07 -8.25
CA PRO B 173 16.28 -28.51 -8.78
C PRO B 173 17.44 -27.90 -8.01
N LYS B 174 18.63 -28.43 -8.27
CA LYS B 174 19.82 -27.87 -7.64
C LYS B 174 20.22 -26.54 -8.28
N SER B 175 20.14 -26.45 -9.60
CA SER B 175 20.48 -25.24 -10.34
C SER B 175 19.51 -25.08 -11.50
N ILE B 176 19.36 -23.84 -11.96
CA ILE B 176 18.43 -23.55 -13.05
C ILE B 176 18.93 -22.33 -13.81
N ILE B 177 18.76 -22.36 -15.13
CA ILE B 177 19.00 -21.22 -15.99
C ILE B 177 17.65 -20.72 -16.48
N ILE B 178 17.38 -19.44 -16.24
CA ILE B 178 16.15 -18.79 -16.69
C ILE B 178 16.46 -17.95 -17.91
N ALA B 179 15.82 -18.25 -19.03
CA ALA B 179 15.99 -17.49 -20.26
C ALA B 179 14.94 -16.38 -20.31
N GLY B 180 15.38 -15.14 -20.09
CA GLY B 180 14.50 -14.00 -20.13
C GLY B 180 14.38 -13.26 -18.81
N ALA B 181 14.71 -11.97 -18.81
CA ALA B 181 14.68 -11.15 -17.62
C ALA B 181 13.48 -10.20 -17.60
N GLY B 182 12.34 -10.67 -18.08
CA GLY B 182 11.09 -9.98 -17.90
C GLY B 182 10.57 -10.16 -16.49
N ALA B 183 9.34 -9.74 -16.28
CA ALA B 183 8.75 -9.80 -14.94
C ALA B 183 8.60 -11.24 -14.46
N ILE B 184 8.14 -12.14 -15.32
CA ILE B 184 7.91 -13.51 -14.89
C ILE B 184 9.22 -14.21 -14.58
N GLY B 185 10.29 -13.89 -15.33
CA GLY B 185 11.55 -14.53 -15.06
C GLY B 185 12.16 -14.10 -13.73
N MET B 186 12.06 -12.81 -13.42
CA MET B 186 12.63 -12.30 -12.18
C MET B 186 11.89 -12.83 -10.96
N GLU B 187 10.60 -13.10 -11.09
CA GLU B 187 9.85 -13.61 -9.94
C GLU B 187 10.18 -15.08 -9.67
N PHE B 188 10.42 -15.87 -10.72
CA PHE B 188 10.87 -17.23 -10.50
C PHE B 188 12.28 -17.26 -9.94
N GLY B 189 13.15 -16.39 -10.44
CA GLY B 189 14.47 -16.27 -9.85
C GLY B 189 14.42 -15.96 -8.37
N TYR B 190 13.58 -15.00 -7.99
CA TYR B 190 13.48 -14.58 -6.61
C TYR B 190 12.96 -15.69 -5.69
N VAL B 191 11.94 -16.43 -6.14
CA VAL B 191 11.42 -17.53 -5.33
C VAL B 191 12.49 -18.62 -5.18
N LEU B 192 13.10 -19.04 -6.30
CA LEU B 192 13.98 -20.19 -6.27
C LEU B 192 15.29 -19.89 -5.55
N LYS B 193 15.81 -18.68 -5.66
CA LYS B 193 17.06 -18.36 -4.97
C LYS B 193 16.86 -18.37 -3.46
N ASN B 194 15.74 -17.85 -2.97
CA ASN B 194 15.47 -17.85 -1.54
C ASN B 194 15.28 -19.26 -0.98
N TYR B 195 14.91 -20.24 -1.81
CA TYR B 195 14.75 -21.62 -1.36
C TYR B 195 15.97 -22.47 -1.70
N GLY B 196 17.12 -21.85 -1.94
CA GLY B 196 18.37 -22.57 -2.03
C GLY B 196 18.78 -23.05 -3.40
N VAL B 197 18.05 -22.69 -4.44
CA VAL B 197 18.44 -23.05 -5.80
C VAL B 197 19.50 -22.06 -6.29
N ASP B 198 20.43 -22.59 -7.09
CA ASP B 198 21.44 -21.78 -7.79
C ASP B 198 20.85 -21.29 -9.11
N VAL B 199 20.84 -19.97 -9.31
CA VAL B 199 20.01 -19.35 -10.34
C VAL B 199 20.88 -18.47 -11.25
N THR B 200 20.65 -18.57 -12.56
CA THR B 200 21.22 -17.67 -13.55
C THR B 200 20.12 -17.22 -14.51
N ILE B 201 20.13 -15.93 -14.84
CA ILE B 201 19.13 -15.33 -15.70
C ILE B 201 19.83 -14.68 -16.88
N VAL B 202 19.46 -15.09 -18.09
CA VAL B 202 20.09 -14.64 -19.33
C VAL B 202 19.11 -13.72 -20.06
N GLU B 203 19.50 -12.47 -20.25
CA GLU B 203 18.69 -11.47 -20.96
C GLU B 203 19.41 -11.01 -22.22
N PHE B 204 18.66 -10.90 -23.33
CA PHE B 204 19.27 -10.47 -24.57
C PHE B 204 19.54 -8.97 -24.58
N LEU B 205 18.67 -8.18 -23.97
CA LEU B 205 18.87 -6.75 -23.90
C LEU B 205 19.87 -6.39 -22.80
N PRO B 206 20.44 -5.19 -22.86
CA PRO B 206 21.51 -4.83 -21.90
C PRO B 206 21.03 -4.43 -20.53
N ARG B 207 19.74 -4.57 -20.21
CA ARG B 207 19.22 -4.25 -18.89
C ARG B 207 18.22 -5.31 -18.47
N ALA B 208 18.12 -5.54 -17.17
CA ALA B 208 17.09 -6.41 -16.63
C ALA B 208 15.81 -5.59 -16.40
N LEU B 209 14.67 -6.16 -16.78
CA LEU B 209 13.41 -5.43 -16.90
C LEU B 209 13.59 -4.35 -17.94
N PRO B 210 13.96 -4.69 -19.18
CA PRO B 210 14.26 -3.67 -20.19
C PRO B 210 13.12 -2.71 -20.48
N ASN B 211 11.87 -3.01 -20.09
CA ASN B 211 10.77 -2.09 -20.30
C ASN B 211 10.69 -0.98 -19.26
N GLU B 212 11.39 -1.10 -18.15
CA GLU B 212 11.33 -0.10 -17.10
C GLU B 212 12.29 1.05 -17.38
N ASP B 213 12.14 2.12 -16.61
CA ASP B 213 13.07 3.24 -16.65
C ASP B 213 14.46 2.79 -16.19
N ALA B 214 15.49 3.31 -16.85
CA ALA B 214 16.84 2.80 -16.64
C ALA B 214 17.27 2.88 -15.17
N ASP B 215 16.80 3.88 -14.43
CA ASP B 215 17.11 3.95 -13.01
C ASP B 215 16.49 2.77 -12.25
N VAL B 216 15.33 2.29 -12.69
CA VAL B 216 14.70 1.15 -12.02
C VAL B 216 15.47 -0.12 -12.30
N SER B 217 15.97 -0.28 -13.52
N SER B 217 16.00 -0.28 -13.52
CA SER B 217 16.75 -1.46 -13.87
CA SER B 217 16.72 -1.51 -13.82
C SER B 217 18.06 -1.52 -13.10
C SER B 217 18.08 -1.53 -13.14
N LYS B 218 18.71 -0.38 -12.93
CA LYS B 218 19.97 -0.36 -12.20
C LYS B 218 19.76 -0.74 -10.74
N GLU B 219 18.68 -0.25 -10.12
CA GLU B 219 18.41 -0.58 -8.73
C GLU B 219 18.08 -2.05 -8.55
N ILE B 220 17.24 -2.62 -9.43
CA ILE B 220 16.83 -4.00 -9.25
C ILE B 220 17.96 -4.97 -9.58
N GLU B 221 18.85 -4.61 -10.50
CA GLU B 221 20.02 -5.46 -10.74
C GLU B 221 20.98 -5.45 -9.56
N LYS B 222 21.00 -4.37 -8.78
CA LYS B 222 21.82 -4.33 -7.57
C LYS B 222 21.24 -5.23 -6.49
N GLN B 223 19.92 -5.14 -6.25
CA GLN B 223 19.26 -6.00 -5.27
C GLN B 223 19.45 -7.47 -5.59
N PHE B 224 19.28 -7.86 -6.86
CA PHE B 224 19.35 -9.28 -7.20
C PHE B 224 20.77 -9.80 -7.05
N LYS B 225 21.78 -8.99 -7.37
CA LYS B 225 23.16 -9.38 -7.13
C LYS B 225 23.42 -9.59 -5.66
N LYS B 226 22.93 -8.69 -4.82
CA LYS B 226 23.07 -8.85 -3.37
C LYS B 226 22.44 -10.16 -2.90
N LEU B 227 21.29 -10.51 -3.46
CA LEU B 227 20.61 -11.75 -3.09
C LEU B 227 21.34 -12.99 -3.58
N GLY B 228 22.24 -12.86 -4.54
CA GLY B 228 23.02 -13.98 -5.03
C GLY B 228 22.66 -14.49 -6.40
N VAL B 229 21.73 -13.87 -7.10
CA VAL B 229 21.36 -14.29 -8.45
C VAL B 229 22.34 -13.69 -9.45
N THR B 230 22.77 -14.51 -10.41
CA THR B 230 23.67 -14.08 -11.48
C THR B 230 22.84 -13.68 -12.70
N ILE B 231 22.96 -12.42 -13.11
CA ILE B 231 22.21 -11.89 -14.24
C ILE B 231 23.20 -11.54 -15.35
N LEU B 232 23.02 -12.17 -16.51
CA LEU B 232 23.85 -11.94 -17.68
C LEU B 232 23.05 -11.15 -18.71
N THR B 233 23.38 -9.88 -18.88
CA THR B 233 22.69 -9.01 -19.80
C THR B 233 23.47 -8.87 -21.10
N ALA B 234 22.75 -8.48 -22.16
CA ALA B 234 23.30 -8.35 -23.49
C ALA B 234 23.84 -9.68 -24.02
N THR B 235 23.23 -10.78 -23.57
CA THR B 235 23.66 -12.12 -23.90
C THR B 235 22.55 -12.83 -24.67
N LYS B 236 22.93 -13.56 -25.71
CA LYS B 236 21.99 -14.24 -26.57
C LYS B 236 22.08 -15.75 -26.35
N VAL B 237 20.92 -16.39 -26.15
CA VAL B 237 20.85 -17.84 -26.07
C VAL B 237 20.89 -18.41 -27.47
N GLU B 238 21.90 -19.23 -27.76
CA GLU B 238 22.04 -19.85 -29.07
C GLU B 238 21.39 -21.23 -29.13
N SER B 239 21.74 -22.11 -28.21
CA SER B 239 21.30 -23.49 -28.25
C SER B 239 20.99 -23.97 -26.83
N ILE B 240 20.11 -24.96 -26.75
CA ILE B 240 19.78 -25.64 -25.50
C ILE B 240 19.79 -27.13 -25.79
N ALA B 241 20.62 -27.87 -25.06
CA ALA B 241 20.80 -29.30 -25.28
C ALA B 241 20.55 -30.05 -23.98
N ASP B 242 19.55 -30.92 -23.98
CA ASP B 242 19.14 -31.67 -22.79
C ASP B 242 19.80 -33.04 -22.87
N GLY B 243 20.89 -33.22 -22.12
CA GLY B 243 21.60 -34.48 -22.10
C GLY B 243 21.06 -35.50 -21.13
N GLY B 244 20.00 -35.19 -20.41
CA GLY B 244 19.45 -36.10 -19.44
C GLY B 244 19.86 -35.76 -18.02
N SER B 245 21.16 -35.75 -17.76
CA SER B 245 21.65 -35.44 -16.42
C SER B 245 21.82 -33.94 -16.22
N GLN B 246 22.11 -33.18 -17.27
CA GLN B 246 22.26 -31.75 -17.19
C GLN B 246 21.91 -31.16 -18.54
N VAL B 247 21.71 -29.84 -18.55
CA VAL B 247 21.42 -29.10 -19.77
C VAL B 247 22.56 -28.13 -20.04
N THR B 248 23.06 -28.13 -21.26
CA THR B 248 24.12 -27.21 -21.67
C THR B 248 23.52 -26.10 -22.52
N VAL B 249 23.58 -24.88 -22.02
CA VAL B 249 23.04 -23.72 -22.71
C VAL B 249 24.19 -22.92 -23.30
N THR B 250 24.23 -22.83 -24.63
CA THR B 250 25.26 -22.06 -25.32
C THR B 250 24.77 -20.64 -25.53
N VAL B 251 25.52 -19.66 -25.01
CA VAL B 251 25.18 -18.26 -25.14
C VAL B 251 26.37 -17.52 -25.74
N THR B 252 26.09 -16.36 -26.34
CA THR B 252 27.11 -15.49 -26.90
C THR B 252 26.97 -14.09 -26.34
N LYS B 253 28.09 -13.50 -25.95
CA LYS B 253 28.15 -12.11 -25.50
C LYS B 253 29.44 -11.50 -26.04
N ASP B 254 29.31 -10.34 -26.69
CA ASP B 254 30.45 -9.65 -27.30
C ASP B 254 31.09 -10.48 -28.40
N GLY B 255 30.37 -11.45 -28.95
CA GLY B 255 30.90 -12.30 -29.99
C GLY B 255 31.69 -13.48 -29.51
N VAL B 256 31.71 -13.76 -28.22
CA VAL B 256 32.44 -14.89 -27.65
C VAL B 256 31.43 -15.93 -27.19
N ALA B 257 31.61 -17.17 -27.63
CA ALA B 257 30.72 -18.25 -27.25
C ALA B 257 31.06 -18.76 -25.86
N GLN B 258 30.03 -19.13 -25.11
CA GLN B 258 30.18 -19.58 -23.74
C GLN B 258 29.11 -20.63 -23.44
N GLU B 259 29.48 -21.64 -22.67
CA GLU B 259 28.57 -22.71 -22.29
C GLU B 259 28.27 -22.64 -20.80
N LEU B 260 26.98 -22.56 -20.48
CA LEU B 260 26.49 -22.68 -19.11
C LEU B 260 25.91 -24.06 -18.89
N LYS B 261 25.72 -24.42 -17.62
CA LYS B 261 25.17 -25.72 -17.27
C LYS B 261 24.27 -25.59 -16.06
N ALA B 262 23.20 -26.37 -16.05
CA ALA B 262 22.27 -26.42 -14.93
C ALA B 262 21.53 -27.73 -15.00
N GLU B 263 20.66 -27.95 -14.02
CA GLU B 263 19.78 -29.12 -14.03
C GLU B 263 18.51 -28.87 -14.82
N LYS B 264 18.01 -27.64 -14.82
CA LYS B 264 16.80 -27.28 -15.52
C LYS B 264 17.02 -25.97 -16.28
N VAL B 265 16.24 -25.78 -17.32
CA VAL B 265 16.16 -24.50 -18.01
C VAL B 265 14.70 -24.09 -18.08
N LEU B 266 14.43 -22.85 -17.71
CA LEU B 266 13.10 -22.26 -17.78
C LEU B 266 13.07 -21.26 -18.93
N GLN B 267 12.26 -21.54 -19.93
CA GLN B 267 12.04 -20.59 -21.02
C GLN B 267 10.98 -19.59 -20.60
N ALA B 268 11.32 -18.31 -20.58
CA ALA B 268 10.42 -17.25 -20.16
C ALA B 268 10.74 -15.97 -20.92
N ILE B 269 10.65 -16.01 -22.25
CA ILE B 269 10.99 -14.86 -23.07
C ILE B 269 9.78 -14.08 -23.58
N GLY B 270 8.58 -14.63 -23.50
CA GLY B 270 7.40 -13.89 -23.90
C GLY B 270 6.24 -14.81 -24.24
N PHE B 271 5.20 -14.19 -24.78
CA PHE B 271 3.94 -14.87 -25.07
C PHE B 271 3.42 -14.50 -26.45
N ALA B 272 2.97 -15.50 -27.19
CA ALA B 272 2.35 -15.32 -28.49
C ALA B 272 0.85 -15.56 -28.40
N PRO B 273 0.01 -14.66 -28.93
CA PRO B 273 -1.44 -14.90 -28.93
C PRO B 273 -1.84 -16.23 -29.56
N ASN B 274 -2.92 -16.80 -29.04
CA ASN B 274 -3.50 -18.03 -29.56
C ASN B 274 -4.50 -17.67 -30.65
N VAL B 275 -4.19 -18.01 -31.90
CA VAL B 275 -5.02 -17.59 -33.01
C VAL B 275 -5.21 -18.72 -34.01
N GLU B 276 -4.72 -19.91 -33.70
CA GLU B 276 -4.74 -21.03 -34.62
C GLU B 276 -5.61 -22.15 -34.08
N GLY B 277 -6.32 -22.82 -34.98
CA GLY B 277 -7.01 -24.05 -34.65
C GLY B 277 -8.49 -23.93 -34.35
N TYR B 278 -9.01 -22.73 -34.10
CA TYR B 278 -10.42 -22.57 -33.78
C TYR B 278 -11.17 -21.72 -34.80
N GLY B 279 -10.71 -21.74 -36.05
CA GLY B 279 -11.48 -21.23 -37.17
C GLY B 279 -11.67 -19.73 -37.26
N LEU B 280 -10.64 -18.94 -36.95
CA LEU B 280 -10.74 -17.50 -37.13
C LEU B 280 -10.92 -17.10 -38.59
N ASP B 281 -10.51 -17.97 -39.52
CA ASP B 281 -10.65 -17.65 -40.93
C ASP B 281 -12.07 -17.91 -41.43
N LYS B 282 -12.79 -18.86 -40.82
CA LYS B 282 -14.18 -19.09 -41.18
C LYS B 282 -15.06 -17.91 -40.77
N ALA B 283 -14.69 -17.20 -39.72
CA ALA B 283 -15.43 -16.04 -39.28
C ALA B 283 -14.97 -14.76 -39.96
N GLY B 284 -13.84 -14.80 -40.66
CA GLY B 284 -13.34 -13.64 -41.38
C GLY B 284 -12.53 -12.66 -40.56
N VAL B 285 -12.04 -13.07 -39.40
CA VAL B 285 -11.33 -12.14 -38.51
C VAL B 285 -9.87 -12.02 -38.97
N ALA B 286 -9.37 -10.78 -39.03
CA ALA B 286 -8.08 -10.46 -39.61
C ALA B 286 -7.01 -10.29 -38.54
N LEU B 287 -5.82 -10.80 -38.82
CA LEU B 287 -4.69 -10.70 -37.92
C LEU B 287 -3.80 -9.51 -38.29
N THR B 288 -3.01 -9.06 -37.31
CA THR B 288 -2.02 -8.02 -37.56
C THR B 288 -0.75 -8.63 -38.10
N ASP B 289 0.30 -7.82 -38.27
CA ASP B 289 1.57 -8.32 -38.76
C ASP B 289 2.37 -9.06 -37.70
N ARG B 290 2.04 -8.87 -36.42
CA ARG B 290 2.64 -9.61 -35.33
C ARG B 290 1.81 -10.80 -34.91
N LYS B 291 0.84 -11.20 -35.72
CA LYS B 291 0.02 -12.39 -35.50
C LYS B 291 -0.91 -12.25 -34.30
N ALA B 292 -1.37 -11.04 -34.02
CA ALA B 292 -2.43 -10.78 -33.06
C ALA B 292 -3.72 -10.47 -33.81
N ILE B 293 -4.84 -10.62 -33.11
CA ILE B 293 -6.12 -10.17 -33.64
C ILE B 293 -6.17 -8.65 -33.56
N GLY B 294 -6.35 -8.00 -34.70
CA GLY B 294 -6.45 -6.54 -34.72
C GLY B 294 -7.81 -6.05 -34.21
N VAL B 295 -7.76 -4.96 -33.44
CA VAL B 295 -8.95 -4.36 -32.85
C VAL B 295 -8.82 -2.84 -32.92
N ASP B 296 -9.96 -2.17 -32.85
CA ASP B 296 -10.00 -0.73 -32.73
C ASP B 296 -10.10 -0.35 -31.25
N ASP B 297 -10.48 0.89 -30.97
CA ASP B 297 -10.46 1.38 -29.59
C ASP B 297 -11.58 0.83 -28.74
N TYR B 298 -12.63 0.29 -29.35
CA TYR B 298 -13.70 -0.36 -28.62
C TYR B 298 -13.60 -1.87 -28.68
N MET B 299 -12.40 -2.39 -28.99
CA MET B 299 -12.07 -3.81 -28.99
C MET B 299 -12.75 -4.57 -30.10
N ARG B 300 -13.20 -3.88 -31.16
CA ARG B 300 -13.95 -4.51 -32.23
C ARG B 300 -12.99 -4.91 -33.35
N THR B 301 -13.12 -6.15 -33.82
CA THR B 301 -12.33 -6.63 -34.94
C THR B 301 -12.86 -6.06 -36.24
N ASN B 302 -12.30 -6.49 -37.36
CA ASN B 302 -12.77 -6.07 -38.67
C ASN B 302 -14.16 -6.60 -38.99
N VAL B 303 -14.66 -7.56 -38.21
CA VAL B 303 -16.03 -8.04 -38.32
C VAL B 303 -16.86 -7.31 -37.28
N GLY B 304 -17.99 -6.75 -37.72
CA GLY B 304 -18.67 -5.76 -36.92
C GLY B 304 -19.19 -6.25 -35.58
N HIS B 305 -19.55 -7.52 -35.48
CA HIS B 305 -20.16 -8.05 -34.27
C HIS B 305 -19.21 -8.94 -33.46
N ILE B 306 -17.94 -9.03 -33.84
CA ILE B 306 -16.98 -9.86 -33.14
C ILE B 306 -15.93 -8.97 -32.49
N TYR B 307 -15.61 -9.26 -31.24
CA TYR B 307 -14.70 -8.50 -30.41
C TYR B 307 -13.57 -9.39 -29.92
N ALA B 308 -12.45 -8.78 -29.54
CA ALA B 308 -11.29 -9.52 -29.09
C ALA B 308 -10.65 -8.79 -27.92
N ILE B 309 -10.52 -9.48 -26.78
CA ILE B 309 -10.06 -8.86 -25.56
C ILE B 309 -8.93 -9.69 -24.97
N GLY B 310 -8.11 -9.05 -24.16
CA GLY B 310 -7.10 -9.74 -23.40
C GLY B 310 -5.82 -9.95 -24.19
N ASP B 311 -5.06 -10.94 -23.73
CA ASP B 311 -3.76 -11.24 -24.32
C ASP B 311 -3.82 -11.59 -25.80
N VAL B 312 -5.00 -11.91 -26.35
CA VAL B 312 -5.07 -12.35 -27.73
C VAL B 312 -4.96 -11.19 -28.73
N ASN B 313 -5.15 -9.95 -28.31
CA ASN B 313 -4.91 -8.82 -29.19
C ASN B 313 -3.53 -8.22 -29.02
N GLY B 314 -2.79 -8.63 -27.99
CA GLY B 314 -1.39 -8.30 -27.84
C GLY B 314 -1.08 -6.89 -27.36
N LEU B 315 -2.09 -6.10 -27.00
CA LEU B 315 -1.84 -4.70 -26.68
C LEU B 315 -1.01 -4.56 -25.41
N LEU B 316 -1.37 -5.29 -24.36
CA LEU B 316 -0.63 -5.28 -23.10
C LEU B 316 -1.06 -6.48 -22.26
N GLN B 317 -0.18 -7.45 -22.09
CA GLN B 317 -0.59 -8.78 -21.64
C GLN B 317 -0.55 -8.89 -20.13
N LEU B 318 -1.55 -8.27 -19.50
CA LEU B 318 -1.74 -8.30 -18.05
C LEU B 318 -3.21 -8.58 -17.75
N ALA B 319 -3.47 -9.10 -16.56
CA ALA B 319 -4.82 -9.54 -16.21
C ALA B 319 -5.77 -8.37 -16.03
N HIS B 320 -5.33 -7.29 -15.39
CA HIS B 320 -6.22 -6.15 -15.18
C HIS B 320 -6.52 -5.43 -16.49
N VAL B 321 -5.59 -5.44 -17.45
CA VAL B 321 -5.89 -4.92 -18.78
C VAL B 321 -6.98 -5.75 -19.44
N ALA B 322 -6.88 -7.07 -19.31
CA ALA B 322 -7.90 -7.94 -19.89
C ALA B 322 -9.28 -7.67 -19.28
N GLU B 323 -9.32 -7.44 -17.96
CA GLU B 323 -10.58 -7.07 -17.32
C GLU B 323 -11.14 -5.78 -17.88
N ALA B 324 -10.31 -4.73 -17.95
CA ALA B 324 -10.79 -3.44 -18.42
C ALA B 324 -11.30 -3.51 -19.85
N GLN B 325 -10.65 -4.33 -20.70
CA GLN B 325 -11.07 -4.44 -22.09
C GLN B 325 -12.40 -5.17 -22.22
N GLY B 326 -12.61 -6.20 -21.39
CA GLY B 326 -13.87 -6.91 -21.41
C GLY B 326 -15.06 -6.04 -21.01
N VAL B 327 -14.85 -5.11 -20.08
CA VAL B 327 -15.92 -4.20 -19.71
C VAL B 327 -16.25 -3.28 -20.89
N VAL B 328 -15.23 -2.70 -21.52
CA VAL B 328 -15.46 -1.88 -22.71
C VAL B 328 -16.22 -2.69 -23.76
N ALA B 329 -15.73 -3.88 -24.07
CA ALA B 329 -16.39 -4.71 -25.09
C ALA B 329 -17.86 -4.93 -24.76
N ALA B 330 -18.16 -5.31 -23.52
CA ALA B 330 -19.53 -5.62 -23.14
C ALA B 330 -20.42 -4.38 -23.18
N GLU B 331 -19.94 -3.25 -22.66
CA GLU B 331 -20.73 -2.02 -22.72
C GLU B 331 -20.95 -1.58 -24.16
N THR B 332 -19.98 -1.80 -25.03
CA THR B 332 -20.16 -1.43 -26.44
C THR B 332 -21.23 -2.29 -27.11
N ILE B 333 -21.31 -3.57 -26.77
CA ILE B 333 -22.33 -4.43 -27.36
C ILE B 333 -23.72 -4.04 -26.88
N ALA B 334 -23.85 -3.70 -25.60
CA ALA B 334 -25.15 -3.36 -25.04
C ALA B 334 -25.59 -1.95 -25.37
N GLY B 335 -24.70 -1.11 -25.89
CA GLY B 335 -25.04 0.27 -26.14
C GLY B 335 -25.02 1.15 -24.91
N ALA B 336 -24.34 0.73 -23.86
CA ALA B 336 -24.25 1.47 -22.62
C ALA B 336 -23.09 2.46 -22.64
N GLU B 337 -23.09 3.36 -21.66
CA GLU B 337 -22.07 4.38 -21.55
C GLU B 337 -20.72 3.75 -21.26
N THR B 338 -19.74 3.97 -22.14
CA THR B 338 -18.41 3.39 -21.98
C THR B 338 -17.37 4.46 -22.26
N LEU B 339 -16.14 4.15 -21.87
CA LEU B 339 -15.00 5.03 -22.09
C LEU B 339 -13.83 4.18 -22.55
N THR B 340 -13.13 4.66 -23.58
N THR B 340 -13.13 4.63 -23.60
CA THR B 340 -11.98 3.93 -24.12
CA THR B 340 -12.00 3.86 -24.08
C THR B 340 -10.81 3.99 -23.13
C THR B 340 -10.84 3.95 -23.10
N LEU B 341 -9.95 2.98 -23.19
CA LEU B 341 -8.81 2.95 -22.29
C LEU B 341 -7.75 3.95 -22.70
N GLY B 342 -7.63 4.24 -24.00
CA GLY B 342 -6.68 5.20 -24.49
C GLY B 342 -5.32 4.62 -24.76
N ASP B 343 -4.27 5.43 -24.59
CA ASP B 343 -2.90 4.96 -24.75
C ASP B 343 -2.59 3.90 -23.71
N HIS B 344 -2.31 2.68 -24.16
CA HIS B 344 -2.05 1.60 -23.22
C HIS B 344 -0.73 1.74 -22.50
N ARG B 345 0.12 2.68 -22.88
CA ARG B 345 1.33 2.95 -22.12
C ARG B 345 1.04 3.59 -20.77
N MET B 346 -0.11 4.24 -20.60
CA MET B 346 -0.44 4.86 -19.32
C MET B 346 -0.99 3.87 -18.30
N LEU B 347 -1.29 2.65 -18.70
CA LEU B 347 -1.83 1.69 -17.74
C LEU B 347 -0.73 1.22 -16.79
N PRO B 348 -1.07 0.97 -15.53
CA PRO B 348 -0.04 0.57 -14.56
C PRO B 348 0.42 -0.87 -14.76
N ARG B 349 1.59 -1.17 -14.20
CA ARG B 349 2.14 -2.52 -14.19
C ARG B 349 3.10 -2.65 -13.03
N ALA B 350 3.35 -3.88 -12.60
CA ALA B 350 4.15 -4.13 -11.42
C ALA B 350 4.85 -5.48 -11.50
N THR B 351 5.96 -5.58 -10.79
CA THR B 351 6.70 -6.83 -10.58
C THR B 351 6.77 -7.09 -9.08
N PHE B 352 6.46 -8.31 -8.67
CA PHE B 352 6.16 -8.59 -7.27
C PHE B 352 7.26 -9.38 -6.56
N CYS B 353 8.50 -9.24 -7.01
CA CYS B 353 9.61 -9.54 -6.11
C CYS B 353 9.64 -8.49 -4.99
N GLN B 354 10.52 -8.69 -4.03
CA GLN B 354 10.66 -7.74 -2.92
C GLN B 354 12.09 -7.22 -2.94
N PRO B 355 12.33 -5.92 -3.15
CA PRO B 355 11.38 -4.81 -3.30
C PRO B 355 10.53 -4.88 -4.57
N ASN B 356 9.31 -4.37 -4.52
CA ASN B 356 8.49 -4.33 -5.73
C ASN B 356 9.01 -3.29 -6.72
N VAL B 357 8.58 -3.46 -7.96
CA VAL B 357 8.74 -2.47 -9.02
C VAL B 357 7.36 -2.13 -9.53
N ALA B 358 7.03 -0.84 -9.58
CA ALA B 358 5.74 -0.38 -10.05
C ALA B 358 5.91 0.87 -10.90
N SER B 359 5.19 0.93 -12.03
CA SER B 359 5.38 2.02 -12.97
C SER B 359 4.12 2.24 -13.79
N PHE B 360 4.08 3.38 -14.46
CA PHE B 360 3.01 3.73 -15.39
C PHE B 360 3.52 4.84 -16.29
N GLY B 361 2.99 4.90 -17.51
CA GLY B 361 3.30 6.00 -18.40
C GLY B 361 4.68 5.88 -19.02
N LEU B 362 5.29 7.03 -19.27
CA LEU B 362 6.54 7.12 -20.01
C LEU B 362 7.73 7.18 -19.06
N THR B 363 8.84 6.58 -19.50
CA THR B 363 10.11 6.79 -18.83
C THR B 363 10.63 8.19 -19.13
N GLU B 364 11.60 8.63 -18.33
CA GLU B 364 12.18 9.94 -18.56
C GLU B 364 12.68 10.06 -20.00
N GLN B 365 13.36 9.03 -20.50
CA GLN B 365 13.95 9.12 -21.83
C GLN B 365 12.89 9.07 -22.93
N GLN B 366 11.81 8.32 -22.73
CA GLN B 366 10.73 8.32 -23.70
C GLN B 366 10.05 9.68 -23.78
N ALA B 367 9.98 10.40 -22.67
CA ALA B 367 9.34 11.71 -22.67
C ALA B 367 10.21 12.76 -23.33
N ARG B 368 11.53 12.65 -23.19
CA ARG B 368 12.40 13.59 -23.90
C ARG B 368 12.38 13.33 -25.39
N ASN B 369 12.34 12.06 -25.80
CA ASN B 369 12.35 11.74 -27.21
C ASN B 369 11.04 12.08 -27.90
N GLU B 370 9.95 12.26 -27.15
CA GLU B 370 8.66 12.57 -27.73
C GLU B 370 8.33 14.06 -27.70
N GLY B 371 9.19 14.88 -27.11
CA GLY B 371 9.11 16.31 -27.29
C GLY B 371 8.52 17.11 -26.16
N TYR B 372 8.36 16.52 -24.98
CA TYR B 372 7.82 17.27 -23.85
C TYR B 372 8.92 18.11 -23.19
N ASP B 373 8.49 19.07 -22.38
CA ASP B 373 9.39 19.80 -21.49
C ASP B 373 9.38 19.07 -20.15
N VAL B 374 10.44 18.34 -19.87
CA VAL B 374 10.43 17.30 -18.84
C VAL B 374 10.97 17.87 -17.54
N VAL B 375 10.20 17.73 -16.47
CA VAL B 375 10.65 17.99 -15.11
C VAL B 375 10.59 16.67 -14.35
N VAL B 376 11.67 16.35 -13.63
CA VAL B 376 11.81 15.09 -12.93
C VAL B 376 11.99 15.36 -11.44
N ALA B 377 11.36 14.55 -10.61
CA ALA B 377 11.52 14.63 -9.16
C ALA B 377 11.76 13.23 -8.61
N LYS B 378 12.83 13.07 -7.83
CA LYS B 378 13.24 11.78 -7.32
C LYS B 378 13.42 11.85 -5.82
N PHE B 379 12.75 10.96 -5.09
CA PHE B 379 12.81 10.93 -3.63
C PHE B 379 13.20 9.54 -3.15
N PRO B 380 14.26 9.41 -2.36
CA PRO B 380 14.69 8.09 -1.88
C PRO B 380 14.01 7.65 -0.59
N PHE B 381 13.89 6.34 -0.43
CA PHE B 381 13.21 5.81 0.74
C PHE B 381 14.05 5.82 2.01
N THR B 382 15.35 6.13 1.93
CA THR B 382 16.11 6.40 3.14
C THR B 382 15.63 7.66 3.86
N ALA B 383 14.87 8.53 3.20
CA ALA B 383 14.28 9.69 3.84
C ALA B 383 12.84 9.46 4.26
N ASN B 384 12.35 8.23 4.17
CA ASN B 384 10.98 7.87 4.53
C ASN B 384 11.00 7.17 5.89
N ALA B 385 10.26 7.71 6.86
CA ALA B 385 10.31 7.17 8.21
C ALA B 385 9.74 5.76 8.26
N LYS B 386 8.62 5.53 7.57
CA LYS B 386 7.99 4.22 7.56
C LYS B 386 8.90 3.16 6.96
N ALA B 387 9.65 3.51 5.91
CA ALA B 387 10.53 2.53 5.29
C ALA B 387 11.60 2.05 6.27
N HIS B 388 12.11 2.95 7.11
CA HIS B 388 13.08 2.54 8.13
C HIS B 388 12.43 1.65 9.19
N GLY B 389 11.18 1.91 9.54
CA GLY B 389 10.50 1.10 10.54
C GLY B 389 10.28 -0.34 10.09
N VAL B 390 9.93 -0.54 8.82
CA VAL B 390 9.68 -1.90 8.35
CA VAL B 390 9.69 -1.88 8.29
C VAL B 390 10.98 -2.67 8.14
N GLY B 391 12.12 -1.99 8.09
CA GLY B 391 13.39 -2.65 7.96
C GLY B 391 13.91 -2.78 6.56
N ASP B 392 13.31 -2.11 5.59
CA ASP B 392 13.78 -2.12 4.20
C ASP B 392 13.69 -0.71 3.63
N PRO B 393 14.74 0.09 3.78
CA PRO B 393 14.68 1.47 3.30
C PRO B 393 15.28 1.70 1.92
N SER B 394 15.29 0.71 1.05
CA SER B 394 15.94 0.86 -0.25
C SER B 394 14.95 1.33 -1.32
N GLY B 395 15.49 1.74 -2.46
CA GLY B 395 14.68 2.18 -3.57
C GLY B 395 14.29 3.65 -3.50
N PHE B 396 13.35 4.03 -4.36
CA PHE B 396 13.05 5.44 -4.57
C PHE B 396 11.70 5.59 -5.27
N VAL B 397 11.27 6.83 -5.40
CA VAL B 397 10.14 7.24 -6.22
C VAL B 397 10.64 8.28 -7.22
N LYS B 398 10.22 8.15 -8.48
CA LYS B 398 10.63 9.06 -9.54
C LYS B 398 9.43 9.39 -10.41
N LEU B 399 9.05 10.66 -10.45
CA LEU B 399 7.94 11.13 -11.26
C LEU B 399 8.42 11.98 -12.43
N VAL B 400 7.77 11.80 -13.57
CA VAL B 400 8.05 12.52 -14.80
C VAL B 400 6.82 13.37 -15.13
N ALA B 401 7.04 14.64 -15.41
CA ALA B 401 5.94 15.56 -15.65
C ALA B 401 6.29 16.49 -16.79
N ASP B 402 5.29 17.25 -17.23
CA ASP B 402 5.48 18.28 -18.24
C ASP B 402 5.46 19.66 -17.58
N ALA B 403 6.34 20.54 -18.04
CA ALA B 403 6.62 21.77 -17.31
C ALA B 403 5.50 22.79 -17.42
N LYS B 404 4.86 22.91 -18.60
CA LYS B 404 3.97 24.04 -18.83
C LYS B 404 2.82 24.08 -17.82
N HIS B 405 2.23 22.92 -17.49
CA HIS B 405 1.17 22.87 -16.49
C HIS B 405 1.45 21.90 -15.35
N GLY B 406 2.50 21.10 -15.43
CA GLY B 406 2.73 20.10 -14.41
C GLY B 406 1.82 18.91 -14.54
N GLU B 407 1.50 18.50 -15.75
CA GLU B 407 0.73 17.29 -15.98
C GLU B 407 1.64 16.08 -15.90
N LEU B 408 1.15 15.02 -15.26
CA LEU B 408 1.94 13.81 -15.07
C LEU B 408 2.13 13.06 -16.37
N LEU B 409 3.35 12.60 -16.61
CA LEU B 409 3.70 11.82 -17.78
C LEU B 409 4.11 10.38 -17.47
N GLY B 410 4.60 10.13 -16.26
CA GLY B 410 4.96 8.78 -15.87
C GLY B 410 5.42 8.77 -14.43
N GLY B 411 5.60 7.56 -13.92
CA GLY B 411 6.04 7.38 -12.55
C GLY B 411 6.64 6.00 -12.40
N HIS B 412 7.66 5.90 -11.55
CA HIS B 412 8.48 4.69 -11.48
C HIS B 412 8.93 4.48 -10.05
N LEU B 413 8.50 3.40 -9.44
CA LEU B 413 8.70 3.15 -8.02
C LEU B 413 9.41 1.81 -7.82
N VAL B 414 10.40 1.81 -6.94
CA VAL B 414 11.02 0.59 -6.47
CA VAL B 414 11.04 0.58 -6.47
C VAL B 414 11.13 0.66 -4.95
N GLY B 415 10.57 -0.32 -4.27
CA GLY B 415 10.61 -0.35 -2.83
C GLY B 415 9.62 -1.35 -2.29
N HIS B 416 9.55 -1.39 -0.96
CA HIS B 416 8.71 -2.33 -0.24
C HIS B 416 7.22 -2.13 -0.52
N ASP B 417 6.62 -3.09 -1.21
CA ASP B 417 5.18 -3.10 -1.49
C ASP B 417 4.70 -1.88 -2.28
N VAL B 418 5.55 -1.29 -3.12
CA VAL B 418 5.14 -0.06 -3.80
C VAL B 418 4.01 -0.29 -4.81
N ALA B 419 3.77 -1.54 -5.21
CA ALA B 419 2.68 -1.81 -6.14
C ALA B 419 1.35 -1.18 -5.71
N GLU B 420 1.13 -1.05 -4.40
CA GLU B 420 -0.11 -0.49 -3.88
C GLU B 420 -0.21 1.03 -4.01
N LEU B 421 0.87 1.73 -4.38
CA LEU B 421 0.86 3.20 -4.38
C LEU B 421 0.52 3.82 -5.73
N LEU B 422 0.22 3.03 -6.76
CA LEU B 422 -0.04 3.54 -8.10
C LEU B 422 -1.41 4.20 -8.29
N PRO B 423 -2.46 3.81 -7.56
CA PRO B 423 -3.80 4.32 -7.91
C PRO B 423 -3.97 5.83 -7.80
N GLU B 424 -3.26 6.50 -6.89
CA GLU B 424 -3.36 7.95 -6.83
C GLU B 424 -2.80 8.58 -8.10
N LEU B 425 -1.71 8.03 -8.62
CA LEU B 425 -1.02 8.62 -9.78
C LEU B 425 -1.84 8.44 -11.05
N THR B 426 -2.34 7.23 -11.31
CA THR B 426 -3.09 6.99 -12.54
C THR B 426 -4.43 7.70 -12.51
N LEU B 427 -4.99 7.94 -11.33
CA LEU B 427 -6.23 8.70 -11.26
C LEU B 427 -6.01 10.15 -11.66
N ALA B 428 -4.89 10.74 -11.25
CA ALA B 428 -4.57 12.11 -11.62
C ALA B 428 -4.25 12.23 -13.11
N GLN B 429 -3.59 11.23 -13.69
CA GLN B 429 -3.24 11.31 -15.10
C GLN B 429 -4.47 11.16 -15.98
N ARG B 430 -5.41 10.29 -15.60
CA ARG B 430 -6.58 10.04 -16.43
C ARG B 430 -7.59 11.18 -16.39
N TRP B 431 -7.63 11.95 -15.30
CA TRP B 431 -8.63 13.01 -15.14
C TRP B 431 -7.99 14.39 -15.06
N ASP B 432 -6.73 14.52 -15.44
CA ASP B 432 -6.11 15.83 -15.69
C ASP B 432 -5.94 16.65 -14.41
N LEU B 433 -5.42 16.03 -13.37
CA LEU B 433 -5.01 16.75 -12.18
C LEU B 433 -3.51 16.99 -12.25
N THR B 434 -3.09 18.20 -11.94
CA THR B 434 -1.69 18.58 -12.07
C THR B 434 -0.95 18.39 -10.75
N ALA B 435 0.37 18.58 -10.82
CA ALA B 435 1.18 18.52 -9.61
C ALA B 435 0.68 19.49 -8.55
N SER B 436 0.12 20.62 -8.97
CA SER B 436 -0.42 21.58 -8.01
C SER B 436 -1.58 20.97 -7.20
N GLU B 437 -2.47 20.24 -7.86
CA GLU B 437 -3.55 19.59 -7.11
C GLU B 437 -3.03 18.48 -6.23
N LEU B 438 -2.17 17.62 -6.80
CA LEU B 438 -1.61 16.51 -6.04
C LEU B 438 -0.85 17.00 -4.82
N ALA B 439 -0.10 18.08 -4.95
CA ALA B 439 0.68 18.58 -3.84
C ALA B 439 -0.16 19.05 -2.66
N ARG B 440 -1.47 19.20 -2.83
CA ARG B 440 -2.36 19.60 -1.75
C ARG B 440 -3.05 18.44 -1.07
N ASN B 441 -2.83 17.21 -1.50
CA ASN B 441 -3.44 16.05 -0.87
C ASN B 441 -2.60 15.63 0.33
N VAL B 442 -3.19 15.64 1.51
CA VAL B 442 -2.48 15.26 2.74
C VAL B 442 -2.40 13.75 2.83
N HIS B 443 -1.23 13.24 3.17
CA HIS B 443 -0.98 11.79 3.28
C HIS B 443 -0.75 11.39 4.73
N THR B 444 -1.37 10.28 5.13
CA THR B 444 -1.21 9.76 6.48
C THR B 444 0.25 9.52 6.82
N HIS B 445 0.64 9.91 8.01
CA HIS B 445 1.97 9.69 8.52
C HIS B 445 1.98 8.58 9.57
N PRO B 446 2.98 7.70 9.58
CA PRO B 446 4.04 7.49 8.59
C PRO B 446 3.68 6.35 7.64
N THR B 447 3.67 6.55 6.33
CA THR B 447 3.42 5.49 5.37
C THR B 447 4.43 5.62 4.24
N MET B 448 4.59 4.55 3.49
CA MET B 448 5.40 4.59 2.27
C MET B 448 4.87 5.64 1.28
N SER B 449 3.58 5.95 1.35
CA SER B 449 2.98 6.87 0.39
C SER B 449 3.38 8.34 0.62
N GLU B 450 3.90 8.69 1.79
CA GLU B 450 4.40 10.05 1.98
C GLU B 450 5.51 10.40 1.00
N ALA B 451 6.25 9.40 0.51
CA ALA B 451 7.29 9.69 -0.47
C ALA B 451 6.69 10.20 -1.78
N LEU B 452 5.45 9.84 -2.09
CA LEU B 452 4.77 10.45 -3.22
C LEU B 452 4.53 11.93 -2.98
N GLN B 453 4.01 12.29 -1.80
CA GLN B 453 3.75 13.68 -1.51
C GLN B 453 5.01 14.52 -1.64
N GLU B 454 6.16 13.97 -1.24
CA GLU B 454 7.42 14.71 -1.34
C GLU B 454 7.78 14.99 -2.79
N CYS B 455 7.55 14.02 -3.68
CA CYS B 455 7.84 14.22 -5.09
C CYS B 455 6.85 15.15 -5.77
N PHE B 456 5.59 15.19 -5.30
CA PHE B 456 4.68 16.23 -5.76
C PHE B 456 5.21 17.62 -5.43
N HIS B 457 5.73 17.82 -4.22
CA HIS B 457 6.30 19.12 -3.87
C HIS B 457 7.52 19.42 -4.71
N GLY B 458 8.34 18.40 -4.98
CA GLY B 458 9.48 18.59 -5.85
C GLY B 458 9.12 19.04 -7.25
N LEU B 459 7.98 18.59 -7.77
CA LEU B 459 7.57 19.00 -9.11
C LEU B 459 7.12 20.45 -9.14
N VAL B 460 6.49 20.94 -8.06
CA VAL B 460 6.10 22.35 -8.01
C VAL B 460 7.21 23.23 -7.47
N GLY B 461 8.31 22.66 -7.02
CA GLY B 461 9.53 23.39 -6.78
C GLY B 461 9.98 23.56 -5.34
N HIS B 462 9.52 22.71 -4.41
CA HIS B 462 9.95 22.85 -3.02
C HIS B 462 9.77 21.57 -2.23
N MET B 463 10.63 20.58 -2.46
CA MET B 463 10.67 19.39 -1.64
C MET B 463 11.10 19.77 -0.22
N ILE B 464 10.36 19.29 0.78
CA ILE B 464 10.54 19.72 2.16
C ILE B 464 11.41 18.73 2.95
N ASN B 465 11.07 17.45 2.96
CA ASN B 465 11.73 16.49 3.85
C ASN B 465 12.98 15.87 3.24
N PHE B 466 13.44 16.35 2.10
CA PHE B 466 14.69 15.89 1.54
C PHE B 466 15.36 17.03 0.80
#